data_6Q0I
#
_entry.id   6Q0I
#
_cell.length_a   51.950
_cell.length_b   70.410
_cell.length_c   203.740
_cell.angle_alpha   90.000
_cell.angle_beta   90.000
_cell.angle_gamma   90.000
#
_symmetry.space_group_name_H-M   'P 21 21 21'
#
loop_
_entity.id
_entity.type
_entity.pdbx_description
1 polymer Hemagglutinin
2 polymer 'Fab heavy chain'
3 polymer 'Fab lambda chain'
4 non-polymer 2-acetamido-2-deoxy-beta-D-glucopyranose
5 non-polymer GLYCEROL
#
loop_
_entity_poly.entity_id
_entity_poly.type
_entity_poly.pdbx_seq_one_letter_code
_entity_poly.pdbx_strand_id
1 'polypeptide(L)'
;SAPLQLGNCSVAGWILGNPECESLISKESWSYIVETPNPENGTCYPGYFADYEELREQLSSVSSFERFEIFPKESSWPNH
TVTGVTASCSHNGKSSFYRNLLWLTEKNGLYPNLSNSYVNNKEKEVLVLWGVHHPSNIRDQRAIYHTENAYVSVVSSHYS
RRFTPEIAKRPKVRGQEGRINYYWTLLEPGDTIIFEANGNLIAPWYAFALSRGFGSGALEVLFQ
;
A
2 'polypeptide(L)'
;QVQLQESGPGLVKPSGTLSLTCAVSGGSISSSNWWSWVRQPPGKGLEWIGEIYHGGSTNYNPSLKSRVTISVDKSKNQFS
LKLSSVTAADTAVYYCARAPPYCTSASCPDDYYYYYMDVWGKGTTVTVSGASTKGPSVFPLAPSSKSTSGGTAALGCLVK
DYFPEPVTVSWNSGALTSGVHTFPAVLQSSGLYSLSSVVTVPSSSLGTQTYICNVNHKPSNTKVDKRVEPKSCDKHHHHH
H
;
H
3 'polypeptide(L)'
;ASSSELTQDPAVSVALGQTVRITCQGDSLRGYYASWYQQKPGQAPVLVIYGKNNRPSGIPDRFSGSSSGNTASLTITGAQ
AEDEADYYCNSRDSSGNHPVVFGGGTKLTVLGQPKGAPSVTLFPPSSEELQANKATLVCLISDFYPGAVTVAWKADSSPV
KAGVETTTPSKQSNNKYAASSYLSLTPEQWKSHRSYSCQVTHEGSTVEKTVAPTECS
;
L
#
loop_
_chem_comp.id
_chem_comp.type
_chem_comp.name
_chem_comp.formula
GOL non-polymer GLYCEROL 'C3 H8 O3'
NAG D-saccharide, beta linking 2-acetamido-2-deoxy-beta-D-glucopyranose 'C8 H15 N O6'
#
# COMPACT_ATOMS: atom_id res chain seq x y z
N SER A 1 5.91 -2.34 61.04
CA SER A 1 7.08 -2.73 60.27
C SER A 1 6.80 -3.99 59.47
N ALA A 2 5.63 -4.04 58.84
CA ALA A 2 5.23 -5.21 58.09
C ALA A 2 6.10 -5.34 56.83
N PRO A 3 6.45 -6.56 56.43
CA PRO A 3 7.31 -6.74 55.27
C PRO A 3 6.55 -6.64 53.95
N LEU A 4 7.26 -6.13 52.94
CA LEU A 4 6.74 -6.12 51.58
C LEU A 4 7.03 -7.46 50.93
N GLN A 5 5.98 -8.15 50.48
CA GLN A 5 6.10 -9.47 49.88
C GLN A 5 5.81 -9.39 48.40
N LEU A 6 6.75 -9.88 47.59
CA LEU A 6 6.61 -9.85 46.14
C LEU A 6 5.99 -11.11 45.58
N GLY A 7 5.95 -12.20 46.36
CA GLY A 7 5.39 -13.45 45.88
C GLY A 7 6.30 -14.14 44.89
N ASN A 8 5.79 -14.38 43.68
CA ASN A 8 6.54 -15.05 42.63
C ASN A 8 7.48 -14.12 41.89
N CYS A 9 7.61 -12.87 42.33
CA CYS A 9 8.37 -11.85 41.62
C CYS A 9 9.67 -11.54 42.36
N SER A 10 10.71 -11.26 41.59
CA SER A 10 11.97 -10.78 42.15
C SER A 10 11.95 -9.25 42.23
N VAL A 11 12.94 -8.70 42.94
CA VAL A 11 13.05 -7.25 43.05
C VAL A 11 13.30 -6.62 41.69
N ALA A 12 14.03 -7.32 40.81
CA ALA A 12 14.28 -6.79 39.47
C ALA A 12 12.98 -6.69 38.67
N GLY A 13 12.17 -7.75 38.67
CA GLY A 13 10.94 -7.72 37.91
C GLY A 13 9.89 -6.79 38.49
N TRP A 14 9.91 -6.60 39.81
CA TRP A 14 8.95 -5.70 40.43
C TRP A 14 9.29 -4.24 40.17
N ILE A 15 10.58 -3.89 40.24
CA ILE A 15 10.96 -2.50 40.09
C ILE A 15 10.90 -2.05 38.63
N LEU A 16 11.08 -2.97 37.69
CA LEU A 16 11.06 -2.64 36.27
C LEU A 16 9.67 -2.62 35.67
N GLY A 17 8.69 -3.22 36.34
CA GLY A 17 7.35 -3.29 35.80
C GLY A 17 7.13 -4.49 34.90
N ASN A 18 7.68 -5.63 35.29
CA ASN A 18 7.47 -6.86 34.53
C ASN A 18 5.97 -7.12 34.39
N PRO A 19 5.47 -7.41 33.18
CA PRO A 19 4.02 -7.61 33.00
C PRO A 19 3.46 -8.77 33.79
N GLU A 20 4.32 -9.54 34.46
CA GLU A 20 3.91 -10.65 35.31
C GLU A 20 3.93 -10.27 36.79
N CYS A 21 3.97 -8.98 37.11
CA CYS A 21 3.98 -8.50 38.49
C CYS A 21 3.06 -7.30 38.63
N GLU A 22 1.85 -7.40 38.05
CA GLU A 22 0.94 -6.26 38.02
C GLU A 22 0.13 -6.12 39.30
N SER A 23 -0.06 -7.22 40.04
CA SER A 23 -0.95 -7.22 41.22
C SER A 23 -0.26 -6.74 42.51
N LEU A 24 1.02 -6.41 42.42
CA LEU A 24 1.85 -5.99 43.59
C LEU A 24 1.79 -4.49 43.86
N ILE A 25 2.82 -3.96 44.53
CA ILE A 25 2.93 -2.52 44.95
C ILE A 25 1.77 -2.15 45.86
N SER A 26 1.64 -2.86 46.98
CA SER A 26 0.58 -2.69 47.99
C SER A 26 0.93 -1.74 49.14
N LYS A 27 2.19 -1.35 49.33
CA LYS A 27 2.49 -0.57 50.57
C LYS A 27 3.29 0.71 50.29
N GLU A 28 3.24 1.64 51.24
CA GLU A 28 4.04 2.86 51.17
C GLU A 28 5.28 2.81 52.04
N SER A 29 5.40 1.79 52.91
CA SER A 29 6.54 1.67 53.80
C SER A 29 6.67 0.22 54.23
N TRP A 30 7.91 -0.20 54.49
CA TRP A 30 8.20 -1.55 54.96
C TRP A 30 9.61 -1.57 55.53
N SER A 31 9.88 -2.59 56.34
CA SER A 31 11.18 -2.74 56.97
C SER A 31 12.07 -3.77 56.29
N TYR A 32 11.50 -4.73 55.57
CA TYR A 32 12.29 -5.68 54.81
C TYR A 32 11.38 -6.29 53.74
N ILE A 33 12.01 -7.00 52.80
CA ILE A 33 11.35 -7.50 51.60
C ILE A 33 11.40 -9.02 51.62
N VAL A 34 10.31 -9.65 51.19
CA VAL A 34 10.22 -11.11 51.05
C VAL A 34 9.98 -11.42 49.58
N GLU A 35 10.94 -12.10 48.96
CA GLU A 35 10.84 -12.43 47.54
C GLU A 35 11.07 -13.92 47.31
N GLY A 42 14.42 -12.52 36.90
CA GLY A 42 13.12 -11.88 36.83
C GLY A 42 13.06 -10.78 35.80
N THR A 43 13.87 -10.94 34.76
CA THR A 43 13.97 -9.96 33.67
C THR A 43 13.36 -10.55 32.40
N CYS A 44 12.30 -9.92 31.90
CA CYS A 44 11.58 -10.50 30.77
C CYS A 44 12.35 -10.33 29.46
N TYR A 45 13.21 -9.32 29.37
CA TYR A 45 14.07 -9.16 28.19
C TYR A 45 15.52 -9.29 28.66
N PRO A 46 16.22 -10.36 28.29
CA PRO A 46 17.51 -10.65 28.93
C PRO A 46 18.51 -9.51 28.82
N GLY A 47 19.41 -9.46 29.79
CA GLY A 47 20.39 -8.40 29.87
C GLY A 47 21.04 -8.40 31.23
N TYR A 48 21.84 -7.36 31.47
CA TYR A 48 22.56 -7.18 32.72
C TYR A 48 21.93 -6.06 33.54
N PHE A 49 21.82 -6.29 34.84
CA PHE A 49 21.26 -5.32 35.78
C PHE A 49 22.41 -4.80 36.64
N ALA A 50 22.85 -3.58 36.36
CA ALA A 50 24.02 -3.01 37.04
C ALA A 50 23.65 -2.52 38.43
N ASP A 51 24.55 -2.76 39.39
CA ASP A 51 24.36 -2.35 40.78
C ASP A 51 23.05 -2.89 41.34
N TYR A 52 22.73 -4.14 40.98
CA TYR A 52 21.44 -4.71 41.37
C TYR A 52 21.37 -4.95 42.86
N GLU A 53 22.37 -5.66 43.42
CA GLU A 53 22.34 -5.96 44.85
C GLU A 53 22.53 -4.71 45.71
N GLU A 54 23.15 -3.66 45.17
CA GLU A 54 23.16 -2.39 45.88
C GLU A 54 21.77 -1.74 45.87
N LEU A 55 21.02 -1.92 44.79
CA LEU A 55 19.65 -1.40 44.75
C LEU A 55 18.76 -2.13 45.74
N ARG A 56 18.97 -3.44 45.93
CA ARG A 56 18.22 -4.18 46.93
C ARG A 56 18.51 -3.69 48.34
N GLU A 57 19.76 -3.27 48.60
CA GLU A 57 20.10 -2.72 49.90
C GLU A 57 19.35 -1.42 50.15
N GLN A 58 19.34 -0.52 49.16
CA GLN A 58 18.67 0.76 49.32
C GLN A 58 17.16 0.63 49.37
N LEU A 59 16.59 -0.44 48.81
CA LEU A 59 15.16 -0.67 48.82
C LEU A 59 14.72 -1.59 49.96
N SER A 60 15.64 -1.97 50.84
CA SER A 60 15.31 -2.94 51.88
C SER A 60 14.33 -2.38 52.89
N SER A 61 14.44 -1.09 53.20
CA SER A 61 13.51 -0.44 54.14
C SER A 61 13.27 0.98 53.70
N VAL A 62 12.00 1.32 53.44
CA VAL A 62 11.60 2.66 53.05
C VAL A 62 10.49 3.11 53.98
N SER A 63 10.16 4.41 53.90
CA SER A 63 9.15 5.00 54.77
C SER A 63 8.13 5.87 54.05
N SER A 64 8.29 6.14 52.76
CA SER A 64 7.34 6.96 52.01
C SER A 64 7.44 6.60 50.52
N PHE A 65 7.11 5.36 50.20
CA PHE A 65 7.23 4.88 48.83
C PHE A 65 6.06 5.37 47.98
N GLU A 66 6.33 5.59 46.70
CA GLU A 66 5.36 6.18 45.80
C GLU A 66 5.81 5.98 44.36
N ARG A 67 4.90 5.52 43.51
CA ARG A 67 5.16 5.32 42.09
C ARG A 67 4.43 6.40 41.30
N PHE A 68 5.16 7.17 40.51
CA PHE A 68 4.59 8.25 39.73
C PHE A 68 5.09 8.18 38.29
N GLU A 69 4.40 8.89 37.41
CA GLU A 69 4.74 8.90 35.99
C GLU A 69 5.83 9.93 35.73
N ILE A 70 7.05 9.46 35.46
CA ILE A 70 8.18 10.38 35.30
C ILE A 70 8.12 11.09 33.96
N PHE A 71 7.80 10.36 32.88
CA PHE A 71 7.62 10.93 31.57
C PHE A 71 6.38 10.29 30.94
N PRO A 72 5.29 11.02 30.78
CA PRO A 72 4.06 10.42 30.22
C PRO A 72 4.31 9.78 28.86
N LYS A 73 3.49 8.78 28.55
CA LYS A 73 3.63 8.05 27.29
C LYS A 73 3.57 8.99 26.10
N GLU A 74 2.72 10.01 26.17
CA GLU A 74 2.65 11.05 25.16
C GLU A 74 3.44 12.27 25.64
N SER A 75 3.55 13.27 24.76
CA SER A 75 4.15 14.56 25.07
C SER A 75 5.65 14.49 25.38
N SER A 76 6.09 13.40 26.00
CA SER A 76 7.49 13.32 26.44
C SER A 76 8.44 13.13 25.26
N TRP A 77 8.09 12.23 24.34
CA TRP A 77 8.97 11.86 23.23
C TRP A 77 8.22 12.01 21.91
N PRO A 78 8.04 13.24 21.43
CA PRO A 78 7.39 13.44 20.13
C PRO A 78 8.26 12.95 18.99
N ASN A 79 7.60 12.61 17.89
CA ASN A 79 8.25 12.14 16.66
C ASN A 79 9.05 10.87 16.88
N HIS A 80 8.73 10.11 17.93
CA HIS A 80 9.29 8.79 18.16
C HIS A 80 8.15 7.82 18.45
N THR A 81 8.33 6.57 18.03
CA THR A 81 7.34 5.55 18.30
C THR A 81 7.50 5.02 19.72
N VAL A 82 6.37 4.86 20.42
CA VAL A 82 6.37 4.52 21.84
C VAL A 82 5.57 3.26 22.13
N THR A 83 5.14 2.52 21.10
CA THR A 83 4.26 1.37 21.27
C THR A 83 5.02 0.05 21.29
N GLY A 84 6.35 0.08 21.42
CA GLY A 84 7.16 -1.12 21.30
C GLY A 84 6.86 -2.21 22.31
N VAL A 85 6.56 -3.41 21.80
CA VAL A 85 6.33 -4.59 22.63
C VAL A 85 7.09 -5.76 22.02
N THR A 86 7.29 -6.80 22.83
CA THR A 86 8.04 -7.97 22.40
C THR A 86 7.41 -9.22 22.98
N ALA A 87 7.73 -10.36 22.36
CA ALA A 87 7.22 -11.64 22.85
C ALA A 87 7.97 -12.13 24.08
N SER A 88 9.17 -11.61 24.33
CA SER A 88 9.91 -11.97 25.54
C SER A 88 9.17 -11.53 26.80
N CYS A 89 8.47 -10.40 26.74
CA CYS A 89 7.68 -9.92 27.87
C CYS A 89 6.21 -10.19 27.63
N SER A 90 5.86 -11.46 27.43
CA SER A 90 4.48 -11.83 27.13
C SER A 90 3.59 -11.69 28.36
N HIS A 91 2.32 -11.38 28.12
CA HIS A 91 1.34 -11.25 29.19
C HIS A 91 -0.02 -11.63 28.64
N ASN A 92 -0.65 -12.66 29.22
CA ASN A 92 -1.94 -13.18 28.75
C ASN A 92 -1.87 -13.58 27.29
N GLY A 93 -0.75 -14.17 26.88
CA GLY A 93 -0.57 -14.52 25.49
C GLY A 93 -0.25 -13.36 24.58
N LYS A 94 -0.58 -12.14 24.98
CA LYS A 94 -0.29 -10.96 24.17
C LYS A 94 1.09 -10.42 24.50
N SER A 95 1.82 -10.01 23.44
CA SER A 95 3.11 -9.38 23.65
C SER A 95 2.93 -8.06 24.39
N SER A 96 3.90 -7.73 25.24
CA SER A 96 3.81 -6.53 26.06
C SER A 96 5.23 -6.03 26.33
N PHE A 97 5.37 -5.19 27.34
CA PHE A 97 6.66 -4.63 27.73
C PHE A 97 6.56 -4.17 29.17
N TYR A 98 7.68 -3.68 29.71
CA TYR A 98 7.72 -3.24 31.09
C TYR A 98 6.69 -2.12 31.33
N ARG A 99 6.07 -2.16 32.52
CA ARG A 99 5.10 -1.12 32.86
C ARG A 99 5.74 0.22 33.17
N ASN A 100 7.04 0.24 33.48
CA ASN A 100 7.72 1.46 33.89
C ASN A 100 8.71 1.98 32.86
N LEU A 101 8.83 1.33 31.70
CA LEU A 101 9.78 1.73 30.68
C LEU A 101 9.10 1.78 29.32
N LEU A 102 9.64 2.62 28.43
CA LEU A 102 9.15 2.76 27.07
C LEU A 102 10.26 2.40 26.10
N TRP A 103 9.93 1.55 25.12
CA TRP A 103 10.88 1.16 24.08
C TRP A 103 10.73 2.14 22.92
N LEU A 104 11.55 3.18 22.92
CA LEU A 104 11.49 4.20 21.89
C LEU A 104 12.10 3.69 20.60
N THR A 105 11.34 3.78 19.51
CA THR A 105 11.80 3.41 18.17
C THR A 105 11.47 4.52 17.20
N GLU A 106 11.97 4.38 15.97
CA GLU A 106 11.78 5.42 14.97
C GLU A 106 10.31 5.57 14.61
N LYS A 107 9.96 6.77 14.15
CA LYS A 107 8.63 7.05 13.63
C LYS A 107 8.77 7.71 12.27
N ASN A 108 8.05 7.19 11.28
CA ASN A 108 8.09 7.67 9.90
C ASN A 108 9.50 7.54 9.31
N GLY A 109 10.23 6.51 9.70
CA GLY A 109 11.56 6.25 9.18
C GLY A 109 12.66 7.09 9.79
N LEU A 110 12.38 7.87 10.82
CA LEU A 110 13.36 8.78 11.40
C LEU A 110 13.41 8.63 12.91
N TYR A 111 14.63 8.64 13.45
CA TYR A 111 14.88 8.69 14.89
C TYR A 111 15.70 9.94 15.16
N PRO A 112 15.06 11.11 15.26
CA PRO A 112 15.82 12.34 15.48
C PRO A 112 16.47 12.37 16.85
N ASN A 113 17.52 13.20 16.95
CA ASN A 113 18.19 13.43 18.22
C ASN A 113 17.18 13.88 19.26
N LEU A 114 17.28 13.29 20.46
CA LEU A 114 16.23 13.39 21.47
C LEU A 114 16.80 13.93 22.78
N SER A 115 15.95 14.64 23.51
CA SER A 115 16.34 15.21 24.80
C SER A 115 15.09 15.49 25.63
N ASN A 116 15.19 15.25 26.93
CA ASN A 116 14.12 15.55 27.87
C ASN A 116 14.70 15.54 29.28
N SER A 117 14.06 16.29 30.18
CA SER A 117 14.59 16.47 31.53
C SER A 117 13.47 16.41 32.55
N TYR A 118 13.85 16.09 33.79
CA TYR A 118 12.94 16.10 34.93
C TYR A 118 13.65 16.69 36.14
N VAL A 119 12.94 17.52 36.88
CA VAL A 119 13.44 18.13 38.11
C VAL A 119 12.71 17.50 39.28
N ASN A 120 13.47 17.11 40.31
CA ASN A 120 12.93 16.44 41.48
C ASN A 120 12.34 17.49 42.42
N ASN A 121 11.02 17.62 42.42
CA ASN A 121 10.31 18.53 43.31
C ASN A 121 9.33 17.79 44.20
N LYS A 122 9.65 16.54 44.55
CA LYS A 122 8.79 15.72 45.39
C LYS A 122 9.30 15.63 46.83
N GLU A 123 10.29 16.43 47.20
CA GLU A 123 10.79 16.56 48.56
C GLU A 123 11.35 15.25 49.13
N LYS A 124 11.59 14.24 48.28
CA LYS A 124 12.19 12.98 48.69
C LYS A 124 13.22 12.58 47.66
N GLU A 125 13.82 11.41 47.87
CA GLU A 125 14.67 10.81 46.85
C GLU A 125 13.80 10.18 45.77
N VAL A 126 14.23 10.32 44.52
CA VAL A 126 13.53 9.76 43.37
C VAL A 126 14.39 8.70 42.73
N LEU A 127 13.83 7.51 42.52
CA LEU A 127 14.52 6.39 41.89
C LEU A 127 14.14 6.36 40.42
N VAL A 128 15.09 6.66 39.55
CA VAL A 128 14.88 6.68 38.10
C VAL A 128 15.63 5.51 37.49
N LEU A 129 14.92 4.69 36.70
CA LEU A 129 15.52 3.55 36.03
C LEU A 129 15.31 3.66 34.53
N TRP A 130 16.29 3.16 33.77
CA TRP A 130 16.23 3.17 32.33
C TRP A 130 17.03 1.99 31.79
N GLY A 131 16.92 1.78 30.48
CA GLY A 131 17.63 0.69 29.83
C GLY A 131 18.35 1.16 28.59
N VAL A 132 19.25 0.30 28.11
CA VAL A 132 20.03 0.55 26.90
C VAL A 132 19.98 -0.72 26.06
N HIS A 133 19.44 -0.61 24.85
CA HIS A 133 19.21 -1.78 24.00
C HIS A 133 20.43 -2.05 23.12
N HIS A 134 20.80 -3.32 23.03
CA HIS A 134 21.93 -3.78 22.21
C HIS A 134 21.42 -4.75 21.16
N PRO A 135 21.12 -4.30 19.94
CA PRO A 135 20.72 -5.23 18.88
C PRO A 135 21.84 -6.20 18.55
N SER A 136 21.45 -7.34 17.97
CA SER A 136 22.39 -8.41 17.70
C SER A 136 23.04 -8.34 16.33
N ASN A 137 22.51 -7.53 15.41
CA ASN A 137 23.16 -7.28 14.13
C ASN A 137 22.96 -5.82 13.75
N ILE A 138 23.92 -5.29 12.99
CA ILE A 138 23.88 -3.87 12.63
C ILE A 138 22.72 -3.56 11.69
N ARG A 139 22.22 -4.56 10.96
CA ARG A 139 21.07 -4.34 10.08
C ARG A 139 19.84 -3.92 10.88
N ASP A 140 19.60 -4.57 12.01
CA ASP A 140 18.46 -4.21 12.85
C ASP A 140 18.72 -2.94 13.65
N GLN A 141 19.99 -2.60 13.90
CA GLN A 141 20.31 -1.35 14.58
C GLN A 141 19.80 -0.16 13.78
N ARG A 142 20.10 -0.12 12.48
CA ARG A 142 19.63 0.95 11.62
C ARG A 142 18.13 0.82 11.32
N ALA A 143 17.58 -0.38 11.39
CA ALA A 143 16.15 -0.54 11.14
C ALA A 143 15.32 0.05 12.28
N ILE A 144 15.81 -0.04 13.51
CA ILE A 144 15.07 0.46 14.66
C ILE A 144 15.41 1.92 14.95
N TYR A 145 16.70 2.28 14.89
CA TYR A 145 17.14 3.58 15.38
C TYR A 145 17.79 4.44 14.30
N HIS A 146 17.76 4.01 13.04
CA HIS A 146 18.27 4.77 11.91
C HIS A 146 19.78 5.00 11.96
N THR A 147 20.29 5.43 13.11
CA THR A 147 21.71 5.72 13.24
C THR A 147 22.54 4.44 13.33
N GLU A 148 23.80 4.53 12.90
CA GLU A 148 24.71 3.41 12.96
C GLU A 148 25.55 3.41 14.22
N ASN A 149 26.03 4.60 14.63
CA ASN A 149 26.74 4.78 15.89
C ASN A 149 25.80 5.53 16.82
N ALA A 150 25.30 4.84 17.84
CA ALA A 150 24.32 5.40 18.76
C ALA A 150 24.98 5.86 20.05
N TYR A 151 24.35 6.85 20.69
CA TYR A 151 24.80 7.36 21.98
C TYR A 151 23.59 7.58 22.86
N VAL A 152 23.77 7.36 24.17
CA VAL A 152 22.74 7.61 25.17
C VAL A 152 23.39 8.35 26.33
N SER A 153 22.94 9.58 26.59
CA SER A 153 23.53 10.44 27.61
C SER A 153 22.54 10.62 28.76
N VAL A 154 22.96 10.20 29.95
CA VAL A 154 22.20 10.43 31.18
C VAL A 154 23.09 11.22 32.13
N VAL A 155 22.59 12.37 32.58
CA VAL A 155 23.39 13.30 33.39
C VAL A 155 22.52 13.89 34.48
N SER A 156 23.02 13.84 35.72
CA SER A 156 22.42 14.58 36.83
C SER A 156 23.51 15.34 37.56
N SER A 157 23.19 15.94 38.71
CA SER A 157 24.21 16.65 39.48
C SER A 157 25.12 15.71 40.25
N HIS A 158 24.76 14.42 40.37
CA HIS A 158 25.60 13.44 41.04
C HIS A 158 25.72 12.15 40.23
N TYR A 159 25.35 12.19 38.96
CA TYR A 159 25.50 11.04 38.06
C TYR A 159 25.78 11.56 36.66
N SER A 160 26.63 10.85 35.94
CA SER A 160 26.98 11.24 34.57
C SER A 160 27.60 10.04 33.87
N ARG A 161 26.97 9.57 32.80
CA ARG A 161 27.50 8.45 32.03
C ARG A 161 26.92 8.48 30.62
N ARG A 162 27.77 8.19 29.65
CA ARG A 162 27.38 8.08 28.25
C ARG A 162 27.56 6.64 27.78
N PHE A 163 26.57 6.12 27.07
CA PHE A 163 26.57 4.74 26.59
C PHE A 163 26.75 4.73 25.08
N THR A 164 27.74 3.96 24.62
CA THR A 164 27.97 3.74 23.19
C THR A 164 27.67 2.27 22.89
N PRO A 165 26.42 1.91 22.65
CA PRO A 165 26.07 0.49 22.46
C PRO A 165 26.62 -0.03 21.13
N GLU A 166 27.31 -1.16 21.20
CA GLU A 166 27.82 -1.83 20.02
C GLU A 166 27.26 -3.25 19.97
N ILE A 167 27.37 -3.85 18.78
CA ILE A 167 26.61 -5.04 18.42
C ILE A 167 27.48 -6.28 18.59
N ALA A 168 26.87 -7.36 19.10
CA ALA A 168 27.50 -8.66 19.16
C ALA A 168 26.43 -9.73 19.05
N LYS A 169 26.81 -10.89 18.51
CA LYS A 169 25.90 -12.03 18.41
C LYS A 169 26.07 -12.90 19.64
N ARG A 170 25.01 -13.00 20.44
CA ARG A 170 25.05 -13.61 21.76
C ARG A 170 24.17 -14.87 21.80
N PRO A 171 24.44 -15.79 22.72
CA PRO A 171 23.66 -17.03 22.76
C PRO A 171 22.19 -16.77 23.03
N LYS A 172 21.34 -17.69 22.59
CA LYS A 172 19.91 -17.52 22.71
C LYS A 172 19.47 -17.64 24.17
N VAL A 173 18.69 -16.67 24.63
CA VAL A 173 18.17 -16.64 25.98
C VAL A 173 16.76 -16.09 25.93
N ARG A 174 15.79 -16.84 26.48
CA ARG A 174 14.39 -16.42 26.49
C ARG A 174 13.87 -16.17 25.07
N GLY A 175 14.37 -16.92 24.11
CA GLY A 175 14.03 -16.69 22.72
C GLY A 175 14.64 -15.45 22.11
N GLN A 176 15.55 -14.78 22.83
CA GLN A 176 16.20 -13.57 22.37
C GLN A 176 17.70 -13.77 22.34
N GLU A 177 18.36 -13.05 21.43
CA GLU A 177 19.81 -13.07 21.34
C GLU A 177 20.44 -11.71 21.53
N GLY A 178 19.65 -10.63 21.48
CA GLY A 178 20.11 -9.33 21.93
C GLY A 178 19.76 -9.10 23.40
N ARG A 179 20.40 -8.09 23.99
CA ARG A 179 20.26 -7.83 25.41
C ARG A 179 19.86 -6.38 25.65
N ILE A 180 19.33 -6.12 26.84
CA ILE A 180 19.04 -4.78 27.33
C ILE A 180 19.67 -4.65 28.71
N ASN A 181 20.63 -3.73 28.84
CA ASN A 181 21.24 -3.46 30.14
C ASN A 181 20.44 -2.41 30.88
N TYR A 182 20.21 -2.64 32.17
CA TYR A 182 19.38 -1.78 33.00
C TYR A 182 20.25 -1.01 33.97
N TYR A 183 20.02 0.29 34.06
CA TYR A 183 20.77 1.17 34.94
C TYR A 183 19.81 2.04 35.73
N TRP A 184 20.31 2.60 36.83
CA TRP A 184 19.48 3.41 37.71
C TRP A 184 20.36 4.41 38.45
N THR A 185 19.70 5.42 39.03
CA THR A 185 20.38 6.42 39.84
C THR A 185 19.36 7.07 40.76
N LEU A 186 19.86 7.63 41.86
CA LEU A 186 19.02 8.31 42.83
C LEU A 186 19.14 9.82 42.64
N LEU A 187 17.99 10.49 42.59
CA LEU A 187 17.93 11.93 42.32
C LEU A 187 17.56 12.64 43.62
N GLU A 188 18.50 13.42 44.15
CA GLU A 188 18.27 14.17 45.38
C GLU A 188 17.23 15.26 45.15
N PRO A 189 16.57 15.73 46.22
CA PRO A 189 15.61 16.82 46.07
C PRO A 189 16.26 18.05 45.47
N GLY A 190 15.55 18.66 44.52
CA GLY A 190 16.05 19.82 43.80
C GLY A 190 16.97 19.49 42.65
N ASP A 191 17.46 18.26 42.54
CA ASP A 191 18.37 17.87 41.48
C ASP A 191 17.60 17.63 40.18
N THR A 192 18.30 17.76 39.07
CA THR A 192 17.72 17.59 37.74
C THR A 192 18.45 16.45 37.02
N ILE A 193 17.71 15.69 36.23
CA ILE A 193 18.27 14.64 35.40
C ILE A 193 17.83 14.88 33.96
N ILE A 194 18.76 14.70 33.02
CA ILE A 194 18.52 14.95 31.60
C ILE A 194 18.92 13.70 30.82
N PHE A 195 18.04 13.25 29.92
CA PHE A 195 18.31 12.12 29.04
C PHE A 195 18.52 12.63 27.63
N GLU A 196 19.58 12.17 26.98
CA GLU A 196 19.88 12.53 25.60
C GLU A 196 20.28 11.26 24.85
N ALA A 197 19.64 11.03 23.71
CA ALA A 197 19.94 9.83 22.93
C ALA A 197 19.47 10.03 21.49
N ASN A 198 20.15 9.33 20.58
CA ASN A 198 19.71 9.21 19.19
C ASN A 198 19.30 7.78 18.86
N GLY A 199 19.01 6.98 19.87
CA GLY A 199 18.61 5.60 19.67
C GLY A 199 19.03 4.74 20.84
N ASN A 200 18.54 3.50 20.84
CA ASN A 200 18.92 2.46 21.79
C ASN A 200 18.58 2.83 23.24
N LEU A 201 17.60 3.70 23.44
CA LEU A 201 17.21 4.14 24.78
C LEU A 201 15.88 3.51 25.16
N ILE A 202 15.88 2.74 26.25
CA ILE A 202 14.65 2.29 26.88
C ILE A 202 14.28 3.35 27.90
N ALA A 203 13.40 4.28 27.50
CA ALA A 203 13.19 5.50 28.26
C ALA A 203 12.43 5.22 29.55
N PRO A 204 12.71 5.99 30.61
CA PRO A 204 11.90 5.87 31.83
C PRO A 204 10.48 6.36 31.60
N TRP A 205 9.52 5.55 32.03
CA TRP A 205 8.10 5.88 31.94
C TRP A 205 7.50 6.15 33.31
N TYR A 206 7.77 5.29 34.29
CA TYR A 206 7.38 5.50 35.67
C TYR A 206 8.61 5.47 36.56
N ALA A 207 8.66 6.37 37.53
CA ALA A 207 9.73 6.42 38.52
C ALA A 207 9.13 6.22 39.92
N PHE A 208 10.02 6.23 40.91
CA PHE A 208 9.61 5.98 42.30
C PHE A 208 10.21 7.05 43.20
N ALA A 209 9.39 7.59 44.09
CA ALA A 209 9.83 8.53 45.11
C ALA A 209 9.76 7.88 46.48
N LEU A 210 10.81 8.07 47.27
CA LEU A 210 10.93 7.36 48.54
C LEU A 210 11.83 8.14 49.48
N SER A 211 11.71 7.84 50.77
CA SER A 211 12.55 8.40 51.81
C SER A 211 13.45 7.31 52.38
N ARG A 212 14.07 7.60 53.53
CA ARG A 212 15.10 6.74 54.12
C ARG A 212 16.18 6.43 53.08
N GLY A 213 16.12 5.24 52.48
CA GLY A 213 17.09 4.83 51.49
C GLY A 213 16.89 5.51 50.15
N GLN B 1 0.98 11.07 4.14
CA GLN B 1 2.00 12.09 4.34
C GLN B 1 3.06 12.04 3.25
N VAL B 2 3.44 10.83 2.86
CA VAL B 2 4.45 10.61 1.83
C VAL B 2 3.76 10.07 0.59
N GLN B 3 4.06 10.67 -0.56
CA GLN B 3 3.50 10.26 -1.83
C GLN B 3 4.63 9.96 -2.82
N LEU B 4 4.29 9.27 -3.89
CA LEU B 4 5.27 8.83 -4.88
C LEU B 4 4.81 9.24 -6.28
N GLN B 5 5.69 9.94 -6.99
CA GLN B 5 5.46 10.32 -8.38
C GLN B 5 6.35 9.48 -9.28
N GLU B 6 5.76 8.93 -10.34
CA GLU B 6 6.47 8.04 -11.26
C GLU B 6 6.77 8.76 -12.56
N SER B 7 7.88 8.35 -13.20
CA SER B 7 8.32 8.98 -14.44
C SER B 7 9.05 7.93 -15.28
N GLY B 8 9.05 8.16 -16.60
CA GLY B 8 9.74 7.28 -17.52
C GLY B 8 9.04 7.16 -18.85
N PRO B 9 9.72 6.55 -19.82
CA PRO B 9 9.11 6.35 -21.14
C PRO B 9 8.16 5.16 -21.16
N GLY B 10 7.07 5.30 -21.92
CA GLY B 10 6.09 4.26 -22.06
C GLY B 10 6.38 3.24 -23.14
N LEU B 11 7.48 3.38 -23.88
CA LEU B 11 7.83 2.47 -24.95
C LEU B 11 9.32 2.20 -24.91
N VAL B 12 9.69 0.92 -25.00
CA VAL B 12 11.09 0.50 -24.98
C VAL B 12 11.31 -0.50 -26.11
N LYS B 13 12.36 -0.28 -26.90
CA LYS B 13 12.68 -1.18 -27.99
C LYS B 13 13.15 -2.53 -27.45
N PRO B 14 12.97 -3.60 -28.23
CA PRO B 14 13.48 -4.90 -27.79
C PRO B 14 14.99 -4.87 -27.60
N SER B 15 15.46 -5.66 -26.61
CA SER B 15 16.85 -5.75 -26.17
C SER B 15 17.34 -4.47 -25.51
N GLY B 16 16.50 -3.44 -25.38
CA GLY B 16 16.90 -2.21 -24.77
C GLY B 16 16.81 -2.25 -23.25
N THR B 17 16.99 -1.08 -22.64
CA THR B 17 17.00 -0.94 -21.19
C THR B 17 15.81 -0.10 -20.75
N LEU B 18 15.02 -0.65 -19.84
CA LEU B 18 13.91 0.08 -19.24
C LEU B 18 14.45 1.01 -18.15
N SER B 19 13.88 2.21 -18.08
CA SER B 19 14.35 3.22 -17.13
C SER B 19 13.15 3.96 -16.57
N LEU B 20 12.91 3.82 -15.27
CA LEU B 20 11.85 4.53 -14.57
C LEU B 20 12.42 5.25 -13.36
N THR B 21 11.71 6.30 -12.93
CA THR B 21 12.15 7.12 -11.81
C THR B 21 10.97 7.42 -10.91
N CYS B 22 11.16 7.25 -9.60
CA CYS B 22 10.14 7.51 -8.60
C CYS B 22 10.61 8.65 -7.71
N ALA B 23 9.75 9.66 -7.54
CA ALA B 23 10.10 10.87 -6.77
C ALA B 23 9.38 10.84 -5.43
N VAL B 24 10.12 11.13 -4.36
CA VAL B 24 9.61 11.08 -3.00
C VAL B 24 9.27 12.49 -2.54
N SER B 25 8.08 12.66 -1.98
CA SER B 25 7.64 13.92 -1.42
C SER B 25 7.15 13.70 0.00
N GLY B 26 7.24 14.76 0.82
CA GLY B 26 6.86 14.66 2.21
C GLY B 26 7.75 13.80 3.06
N GLY B 27 8.94 13.46 2.58
CA GLY B 27 9.85 12.63 3.35
C GLY B 27 11.20 12.55 2.66
N SER B 28 12.19 12.11 3.43
CA SER B 28 13.54 11.98 2.92
C SER B 28 13.78 10.55 2.44
N ILE B 29 14.44 10.43 1.29
CA ILE B 29 14.82 9.11 0.79
C ILE B 29 15.81 8.45 1.74
N SER B 30 16.53 9.24 2.53
CA SER B 30 17.52 8.73 3.48
C SER B 30 16.90 8.30 4.80
N SER B 31 15.68 7.76 4.77
CA SER B 31 14.99 7.29 5.95
C SER B 31 14.98 5.76 5.97
N SER B 32 14.69 5.21 7.15
CA SER B 32 14.66 3.77 7.35
C SER B 32 13.43 3.20 6.65
N ASN B 33 13.57 2.98 5.35
CA ASN B 33 12.48 2.46 4.52
C ASN B 33 13.08 1.67 3.35
N TRP B 34 12.32 0.70 2.86
CA TRP B 34 12.73 -0.12 1.73
C TRP B 34 11.91 0.32 0.51
N TRP B 35 12.54 1.07 -0.39
CA TRP B 35 11.89 1.54 -1.59
C TRP B 35 11.90 0.43 -2.64
N SER B 36 10.71 -0.04 -3.01
CA SER B 36 10.56 -1.24 -3.82
C SER B 36 9.99 -0.91 -5.19
N TRP B 37 10.00 -1.93 -6.06
CA TRP B 37 9.41 -1.87 -7.38
C TRP B 37 8.59 -3.13 -7.63
N VAL B 38 7.40 -2.96 -8.21
CA VAL B 38 6.51 -4.06 -8.53
C VAL B 38 6.01 -3.88 -9.95
N ARG B 39 5.88 -4.98 -10.68
CA ARG B 39 5.33 -4.96 -12.03
C ARG B 39 4.19 -5.95 -12.14
N GLN B 40 3.33 -5.73 -13.13
CA GLN B 40 2.18 -6.60 -13.37
C GLN B 40 1.94 -6.75 -14.87
N PRO B 41 2.24 -7.90 -15.45
CA PRO B 41 2.00 -8.11 -16.88
C PRO B 41 0.52 -8.06 -17.18
N PRO B 42 0.14 -7.81 -18.43
CA PRO B 42 -1.28 -7.75 -18.80
C PRO B 42 -1.97 -9.08 -18.53
N GLY B 43 -3.01 -9.04 -17.69
CA GLY B 43 -3.81 -10.20 -17.37
C GLY B 43 -3.25 -11.12 -16.32
N LYS B 44 -2.03 -10.86 -15.84
CA LYS B 44 -1.39 -11.71 -14.83
C LYS B 44 -1.39 -11.00 -13.49
N GLY B 45 -0.75 -11.64 -12.49
CA GLY B 45 -0.75 -11.13 -11.13
C GLY B 45 0.46 -10.25 -10.84
N LEU B 46 0.53 -9.81 -9.58
CA LEU B 46 1.62 -8.96 -9.13
C LEU B 46 2.92 -9.74 -9.02
N GLU B 47 4.03 -9.07 -9.35
CA GLU B 47 5.35 -9.67 -9.30
C GLU B 47 6.31 -8.69 -8.64
N TRP B 48 6.93 -9.12 -7.56
CA TRP B 48 7.90 -8.30 -6.86
C TRP B 48 9.22 -8.28 -7.63
N ILE B 49 9.80 -7.09 -7.76
CA ILE B 49 11.03 -6.93 -8.54
C ILE B 49 12.23 -6.83 -7.61
N GLY B 50 12.25 -5.82 -6.76
CA GLY B 50 13.37 -5.63 -5.85
C GLY B 50 13.13 -4.43 -4.97
N GLU B 51 14.06 -4.23 -4.03
CA GLU B 51 13.99 -3.17 -3.05
C GLU B 51 15.39 -2.61 -2.83
N ILE B 52 15.46 -1.40 -2.27
CA ILE B 52 16.73 -0.75 -2.00
C ILE B 52 16.63 0.01 -0.68
N TYR B 53 17.67 -0.10 0.14
CA TYR B 53 17.80 0.67 1.36
C TYR B 53 18.66 1.90 1.09
N HIS B 54 18.38 2.99 1.82
CA HIS B 54 19.01 4.27 1.52
C HIS B 54 20.51 4.26 1.70
N GLY B 55 21.07 3.25 2.38
CA GLY B 55 22.51 3.14 2.48
C GLY B 55 23.15 2.69 1.18
N GLY B 56 22.45 1.88 0.40
CA GLY B 56 22.98 1.38 -0.85
C GLY B 56 22.75 -0.10 -1.03
N SER B 57 22.41 -0.79 0.05
CA SER B 57 22.15 -2.23 -0.02
C SER B 57 20.88 -2.52 -0.80
N THR B 58 20.94 -3.52 -1.66
CA THR B 58 19.83 -3.89 -2.52
C THR B 58 19.47 -5.36 -2.34
N ASN B 59 18.26 -5.71 -2.76
CA ASN B 59 17.78 -7.08 -2.73
C ASN B 59 16.80 -7.25 -3.89
N TYR B 60 17.06 -8.22 -4.76
CA TYR B 60 16.33 -8.35 -6.01
C TYR B 60 15.63 -9.70 -6.10
N ASN B 61 14.71 -9.79 -7.05
CA ASN B 61 14.04 -11.05 -7.34
C ASN B 61 15.04 -12.01 -7.96
N PRO B 62 15.15 -13.25 -7.46
CA PRO B 62 16.13 -14.19 -8.04
C PRO B 62 15.95 -14.44 -9.52
N SER B 63 14.72 -14.39 -10.03
CA SER B 63 14.48 -14.65 -11.45
C SER B 63 14.83 -13.46 -12.34
N LEU B 64 14.98 -12.27 -11.77
CA LEU B 64 15.24 -11.06 -12.53
C LEU B 64 16.57 -10.41 -12.15
N LYS B 65 17.36 -11.04 -11.29
CA LYS B 65 18.57 -10.41 -10.77
C LYS B 65 19.57 -10.09 -11.88
N SER B 66 19.63 -10.92 -12.93
CA SER B 66 20.63 -10.73 -13.97
C SER B 66 20.43 -9.42 -14.72
N ARG B 67 19.19 -8.93 -14.79
CA ARG B 67 18.86 -7.80 -15.65
C ARG B 67 18.37 -6.57 -14.90
N VAL B 68 18.26 -6.62 -13.58
CA VAL B 68 17.67 -5.55 -12.78
C VAL B 68 18.76 -4.79 -12.06
N THR B 69 18.63 -3.46 -12.04
CA THR B 69 19.52 -2.59 -11.26
C THR B 69 18.69 -1.47 -10.68
N ILE B 70 18.65 -1.38 -9.35
CA ILE B 70 17.91 -0.35 -8.63
C ILE B 70 18.91 0.55 -7.92
N SER B 71 18.78 1.86 -8.12
CA SER B 71 19.70 2.84 -7.57
C SER B 71 18.94 3.83 -6.71
N VAL B 72 19.68 4.72 -6.05
CA VAL B 72 19.11 5.76 -5.21
C VAL B 72 19.92 7.04 -5.43
N ASP B 73 19.22 8.16 -5.59
CA ASP B 73 19.84 9.46 -5.78
C ASP B 73 19.35 10.38 -4.68
N LYS B 74 20.15 10.52 -3.61
CA LYS B 74 19.80 11.38 -2.49
C LYS B 74 19.86 12.86 -2.86
N SER B 75 20.49 13.20 -3.99
CA SER B 75 20.55 14.60 -4.40
C SER B 75 19.18 15.12 -4.83
N LYS B 76 18.35 14.27 -5.42
CA LYS B 76 17.03 14.67 -5.89
C LYS B 76 15.90 13.95 -5.17
N ASN B 77 16.21 13.18 -4.13
CA ASN B 77 15.20 12.45 -3.35
C ASN B 77 14.42 11.49 -4.25
N GLN B 78 15.15 10.74 -5.07
CA GLN B 78 14.55 9.83 -6.04
C GLN B 78 15.25 8.48 -5.99
N PHE B 79 14.53 7.45 -6.43
CA PHE B 79 15.11 6.12 -6.64
C PHE B 79 14.57 5.57 -7.94
N SER B 80 15.43 4.90 -8.70
CA SER B 80 15.13 4.51 -10.07
C SER B 80 15.18 2.98 -10.22
N LEU B 81 14.73 2.52 -11.38
CA LEU B 81 14.78 1.12 -11.76
C LEU B 81 15.30 1.02 -13.19
N LYS B 82 16.18 0.05 -13.42
CA LYS B 82 16.75 -0.20 -14.74
C LYS B 82 16.71 -1.68 -15.03
N LEU B 83 16.08 -2.05 -16.15
CA LEU B 83 15.94 -3.44 -16.57
C LEU B 83 16.46 -3.56 -17.99
N SER B 84 17.52 -4.33 -18.18
CA SER B 84 18.16 -4.49 -19.48
C SER B 84 17.69 -5.77 -20.16
N SER B 85 17.92 -5.81 -21.48
CA SER B 85 17.58 -6.97 -22.32
C SER B 85 16.09 -7.32 -22.20
N VAL B 86 15.26 -6.34 -22.58
CA VAL B 86 13.81 -6.49 -22.41
C VAL B 86 13.23 -7.24 -23.60
N THR B 87 12.19 -8.03 -23.31
CA THR B 87 11.46 -8.75 -24.34
C THR B 87 9.96 -8.53 -24.15
N ALA B 88 9.13 -9.27 -24.89
CA ALA B 88 7.69 -9.17 -24.74
C ALA B 88 7.23 -9.57 -23.34
N ALA B 89 8.02 -10.37 -22.63
CA ALA B 89 7.65 -10.77 -21.27
C ALA B 89 7.77 -9.62 -20.28
N ASP B 90 8.51 -8.57 -20.62
CA ASP B 90 8.68 -7.43 -19.74
C ASP B 90 7.65 -6.33 -19.98
N THR B 91 6.79 -6.49 -20.98
CA THR B 91 5.67 -5.57 -21.17
C THR B 91 4.72 -5.71 -20.00
N ALA B 92 4.59 -4.67 -19.19
CA ALA B 92 3.82 -4.75 -17.96
C ALA B 92 3.53 -3.34 -17.46
N VAL B 93 2.74 -3.26 -16.39
CA VAL B 93 2.52 -2.02 -15.65
C VAL B 93 3.42 -2.04 -14.43
N TYR B 94 4.20 -0.97 -14.25
CA TYR B 94 5.21 -0.90 -13.21
C TYR B 94 4.80 0.09 -12.13
N TYR B 95 5.03 -0.28 -10.88
CA TYR B 95 4.72 0.55 -9.72
C TYR B 95 5.97 0.70 -8.84
N CYS B 96 6.10 1.88 -8.24
CA CYS B 96 7.05 2.09 -7.16
C CYS B 96 6.27 2.25 -5.86
N ALA B 97 6.68 1.52 -4.83
CA ALA B 97 5.99 1.51 -3.55
C ALA B 97 7.00 1.69 -2.42
N ARG B 98 6.48 1.82 -1.20
CA ARG B 98 7.30 1.97 -0.01
C ARG B 98 7.01 0.81 0.94
N ALA B 99 8.08 0.24 1.49
CA ALA B 99 7.99 -0.85 2.45
C ALA B 99 8.65 -0.44 3.77
N PRO B 100 8.12 -0.90 4.90
CA PRO B 100 8.67 -0.51 6.20
C PRO B 100 9.99 -1.20 6.46
N PRO B 101 10.78 -0.73 7.43
CA PRO B 101 11.98 -1.48 7.83
C PRO B 101 11.60 -2.76 8.54
N TYR B 102 12.55 -3.71 8.52
CA TYR B 102 12.31 -5.01 9.13
C TYR B 102 13.60 -5.51 9.76
N CYS B 103 13.47 -6.56 10.56
CA CYS B 103 14.59 -7.14 11.29
C CYS B 103 14.77 -8.60 10.92
N THR B 104 16.04 -9.04 10.96
CA THR B 104 16.37 -10.44 10.72
C THR B 104 16.52 -11.24 12.00
N SER B 105 16.74 -10.59 13.14
CA SER B 105 16.87 -11.25 14.43
C SER B 105 15.64 -10.95 15.29
N ALA B 106 15.64 -11.53 16.50
CA ALA B 106 14.50 -11.39 17.40
C ALA B 106 14.62 -10.19 18.33
N SER B 107 15.66 -9.36 18.19
CA SER B 107 15.95 -8.28 19.11
C SER B 107 15.18 -6.99 18.80
N CYS B 108 14.04 -7.08 18.14
CA CYS B 108 13.27 -5.92 17.71
C CYS B 108 11.86 -6.00 18.23
N PRO B 109 11.15 -4.87 18.32
CA PRO B 109 9.73 -4.91 18.64
C PRO B 109 8.95 -5.64 17.55
N ASP B 110 7.74 -6.07 17.92
CA ASP B 110 6.96 -6.94 17.03
C ASP B 110 6.59 -6.24 15.73
N ASP B 111 6.35 -4.93 15.76
CA ASP B 111 5.90 -4.21 14.57
C ASP B 111 6.98 -4.09 13.50
N TYR B 112 8.19 -4.60 13.75
CA TYR B 112 9.25 -4.62 12.75
C TYR B 112 9.41 -5.98 12.09
N TYR B 113 8.40 -6.84 12.21
CA TYR B 113 8.37 -8.12 11.50
C TYR B 113 7.21 -8.20 10.52
N TYR B 114 6.56 -7.08 10.24
CA TYR B 114 5.53 -7.03 9.22
C TYR B 114 6.18 -6.80 7.86
N TYR B 115 5.48 -7.23 6.81
CA TYR B 115 5.79 -6.78 5.46
C TYR B 115 4.52 -6.30 4.79
N TYR B 116 4.57 -5.08 4.26
CA TYR B 116 3.46 -4.51 3.51
C TYR B 116 4.02 -3.40 2.64
N MET B 117 3.16 -2.89 1.75
CA MET B 117 3.50 -1.73 0.92
C MET B 117 2.26 -0.83 0.92
N ASP B 118 2.27 0.17 1.79
CA ASP B 118 1.11 1.02 2.01
C ASP B 118 1.04 2.19 1.03
N VAL B 119 2.18 2.80 0.70
CA VAL B 119 2.23 3.91 -0.24
C VAL B 119 2.66 3.39 -1.59
N TRP B 120 1.86 3.68 -2.62
CA TRP B 120 2.10 3.21 -3.98
C TRP B 120 2.18 4.39 -4.94
N GLY B 121 2.94 4.20 -6.01
CA GLY B 121 2.86 5.10 -7.14
C GLY B 121 1.61 4.83 -7.96
N LYS B 122 1.31 5.76 -8.87
CA LYS B 122 0.08 5.66 -9.64
C LYS B 122 0.18 4.67 -10.79
N GLY B 123 1.38 4.21 -11.14
CA GLY B 123 1.53 3.21 -12.18
C GLY B 123 1.93 3.80 -13.52
N THR B 124 2.97 3.23 -14.13
CA THR B 124 3.43 3.64 -15.44
C THR B 124 3.39 2.43 -16.38
N THR B 125 2.66 2.56 -17.48
CA THR B 125 2.56 1.49 -18.46
C THR B 125 3.80 1.50 -19.35
N VAL B 126 4.47 0.36 -19.43
CA VAL B 126 5.66 0.19 -20.27
C VAL B 126 5.36 -0.90 -21.29
N THR B 127 5.60 -0.59 -22.56
CA THR B 127 5.38 -1.53 -23.65
C THR B 127 6.71 -1.80 -24.35
N VAL B 128 6.96 -3.07 -24.65
CA VAL B 128 8.18 -3.50 -25.34
C VAL B 128 7.80 -3.77 -26.79
N SER B 129 8.14 -2.84 -27.68
CA SER B 129 7.83 -2.99 -29.10
C SER B 129 8.79 -2.12 -29.89
N GLY B 130 9.00 -2.53 -31.15
CA GLY B 130 9.86 -1.77 -32.05
C GLY B 130 9.16 -0.69 -32.83
N ALA B 131 7.83 -0.60 -32.73
CA ALA B 131 7.09 0.42 -33.45
C ALA B 131 7.39 1.80 -32.89
N SER B 132 6.86 2.83 -33.55
CA SER B 132 7.11 4.21 -33.20
C SER B 132 5.88 4.83 -32.54
N THR B 133 6.13 5.81 -31.68
CA THR B 133 5.06 6.50 -30.98
C THR B 133 4.27 7.37 -31.96
N LYS B 134 2.93 7.36 -31.80
CA LYS B 134 2.06 8.16 -32.65
C LYS B 134 1.00 8.81 -31.78
N GLY B 135 0.79 10.11 -31.98
CA GLY B 135 -0.22 10.85 -31.26
C GLY B 135 -1.62 10.50 -31.72
N PRO B 136 -2.61 10.80 -30.90
CA PRO B 136 -3.99 10.43 -31.22
C PRO B 136 -4.70 11.47 -32.08
N SER B 137 -5.72 11.00 -32.79
CA SER B 137 -6.64 11.86 -33.53
C SER B 137 -7.99 11.83 -32.81
N VAL B 138 -8.39 12.96 -32.25
CA VAL B 138 -9.60 13.05 -31.44
C VAL B 138 -10.71 13.62 -32.29
N PHE B 139 -11.79 12.84 -32.46
CA PHE B 139 -12.96 13.26 -33.19
C PHE B 139 -14.18 13.26 -32.27
N PRO B 140 -15.09 14.23 -32.43
CA PRO B 140 -16.26 14.29 -31.55
C PRO B 140 -17.30 13.25 -31.93
N LEU B 141 -18.01 12.77 -30.90
CA LEU B 141 -19.15 11.87 -31.06
C LEU B 141 -20.40 12.66 -30.69
N ALA B 142 -20.88 13.46 -31.63
CA ALA B 142 -21.91 14.44 -31.34
C ALA B 142 -23.23 13.75 -30.97
N PRO B 143 -24.02 14.36 -30.09
CA PRO B 143 -25.32 13.78 -29.72
C PRO B 143 -26.40 14.14 -30.73
N SER B 144 -27.06 13.12 -31.28
CA SER B 144 -28.18 13.33 -32.18
C SER B 144 -29.46 12.86 -31.50
N SER B 145 -30.58 13.50 -31.85
CA SER B 145 -31.85 13.24 -31.19
C SER B 145 -32.42 11.86 -31.48
N LYS B 146 -31.71 11.01 -32.23
CA LYS B 146 -32.11 9.63 -32.41
C LYS B 146 -31.47 8.69 -31.40
N SER B 147 -30.28 9.04 -30.90
CA SER B 147 -29.61 8.26 -29.87
C SER B 147 -29.97 8.71 -28.46
N THR B 148 -30.90 9.66 -28.33
CA THR B 148 -31.36 10.13 -27.03
C THR B 148 -32.35 9.13 -26.43
N SER B 149 -32.39 9.08 -25.09
CA SER B 149 -33.27 8.17 -24.37
C SER B 149 -33.82 8.92 -23.14
N GLY B 150 -34.78 9.81 -23.39
CA GLY B 150 -35.45 10.52 -22.32
C GLY B 150 -34.90 11.90 -22.05
N GLY B 151 -34.82 12.28 -20.77
CA GLY B 151 -34.34 13.59 -20.39
C GLY B 151 -32.83 13.78 -20.47
N THR B 152 -32.09 12.74 -20.85
CA THR B 152 -30.64 12.83 -20.98
C THR B 152 -30.20 12.31 -22.34
N ALA B 153 -29.09 12.84 -22.84
CA ALA B 153 -28.50 12.42 -24.10
C ALA B 153 -27.04 12.04 -23.87
N ALA B 154 -26.47 11.35 -24.85
CA ALA B 154 -25.11 10.83 -24.74
C ALA B 154 -24.22 11.49 -25.79
N LEU B 155 -23.06 11.99 -25.35
CA LEU B 155 -22.06 12.55 -26.24
C LEU B 155 -20.69 12.09 -25.78
N GLY B 156 -19.73 12.08 -26.70
CA GLY B 156 -18.42 11.58 -26.36
C GLY B 156 -17.35 12.02 -27.34
N CYS B 157 -16.17 11.43 -27.17
CA CYS B 157 -15.01 11.70 -28.00
C CYS B 157 -14.41 10.38 -28.49
N LEU B 158 -13.88 10.41 -29.71
CA LEU B 158 -13.27 9.25 -30.33
C LEU B 158 -11.76 9.48 -30.41
N VAL B 159 -11.00 8.73 -29.63
CA VAL B 159 -9.54 8.77 -29.64
C VAL B 159 -9.07 7.66 -30.56
N LYS B 160 -8.57 8.02 -31.73
CA LYS B 160 -8.27 7.06 -32.79
C LYS B 160 -6.80 7.15 -33.20
N ASP B 161 -6.21 5.98 -33.45
CA ASP B 161 -4.87 5.85 -34.04
C ASP B 161 -3.81 6.50 -33.15
N TYR B 162 -3.52 5.82 -32.04
CA TYR B 162 -2.44 6.22 -31.14
C TYR B 162 -1.64 4.99 -30.74
N PHE B 163 -0.41 5.24 -30.28
CA PHE B 163 0.47 4.17 -29.84
C PHE B 163 1.62 4.77 -29.04
N PRO B 164 1.99 4.17 -27.90
CA PRO B 164 1.32 3.01 -27.31
C PRO B 164 0.34 3.40 -26.21
N GLU B 165 -0.13 2.41 -25.45
CA GLU B 165 -0.98 2.69 -24.29
C GLU B 165 -0.21 3.54 -23.28
N PRO B 166 -0.92 4.28 -22.41
CA PRO B 166 -2.37 4.45 -22.38
C PRO B 166 -2.84 5.84 -22.81
N VAL B 167 -4.13 6.08 -22.68
CA VAL B 167 -4.75 7.39 -22.94
C VAL B 167 -5.76 7.65 -21.84
N THR B 168 -5.67 8.83 -21.23
CA THR B 168 -6.60 9.25 -20.19
C THR B 168 -7.47 10.37 -20.70
N VAL B 169 -8.77 10.29 -20.46
CA VAL B 169 -9.74 11.26 -20.94
C VAL B 169 -10.51 11.80 -19.75
N SER B 170 -10.50 13.13 -19.60
CA SER B 170 -11.33 13.82 -18.62
C SER B 170 -12.22 14.82 -19.34
N TRP B 171 -13.28 15.25 -18.66
CA TRP B 171 -14.28 16.13 -19.25
C TRP B 171 -14.36 17.43 -18.46
N ASN B 172 -14.33 18.56 -19.17
CA ASN B 172 -14.36 19.89 -18.57
C ASN B 172 -13.22 20.07 -17.56
N SER B 173 -12.05 19.52 -17.88
CA SER B 173 -10.86 19.60 -17.02
C SER B 173 -11.12 19.01 -15.64
N GLY B 174 -11.94 17.96 -15.56
CA GLY B 174 -12.27 17.34 -14.29
C GLY B 174 -13.55 17.83 -13.66
N ALA B 175 -14.15 18.91 -14.17
CA ALA B 175 -15.38 19.47 -13.63
C ALA B 175 -16.63 18.71 -14.10
N LEU B 176 -16.48 17.49 -14.58
CA LEU B 176 -17.63 16.71 -15.04
C LEU B 176 -17.34 15.23 -14.81
N THR B 177 -18.17 14.59 -13.97
CA THR B 177 -18.09 13.16 -13.74
C THR B 177 -19.48 12.56 -13.56
N SER B 178 -20.49 13.18 -14.18
CA SER B 178 -21.87 12.75 -14.01
C SER B 178 -22.05 11.31 -14.49
N GLY B 179 -21.87 11.07 -15.79
CA GLY B 179 -21.94 9.74 -16.33
C GLY B 179 -20.73 9.39 -17.17
N VAL B 180 -19.57 9.90 -16.77
CA VAL B 180 -18.35 9.70 -17.56
C VAL B 180 -17.98 8.22 -17.55
N HIS B 181 -17.82 7.66 -18.75
CA HIS B 181 -17.46 6.26 -18.93
C HIS B 181 -16.42 6.19 -20.04
N THR B 182 -15.20 5.78 -19.69
CA THR B 182 -14.13 5.62 -20.65
C THR B 182 -13.92 4.14 -20.90
N PHE B 183 -14.12 3.72 -22.15
CA PHE B 183 -14.05 2.31 -22.50
C PHE B 183 -12.60 1.87 -22.73
N PRO B 184 -12.30 0.60 -22.48
CA PRO B 184 -10.96 0.08 -22.80
C PRO B 184 -10.69 0.18 -24.29
N ALA B 185 -9.42 0.34 -24.62
CA ALA B 185 -9.03 0.52 -26.01
C ALA B 185 -9.18 -0.77 -26.81
N VAL B 186 -9.29 -0.61 -28.13
CA VAL B 186 -9.33 -1.73 -29.05
C VAL B 186 -8.07 -1.68 -29.90
N LEU B 187 -7.58 -2.86 -30.27
CA LEU B 187 -6.35 -2.99 -31.06
C LEU B 187 -6.71 -3.32 -32.50
N GLN B 188 -6.38 -2.38 -33.40
CA GLN B 188 -6.69 -2.57 -34.81
C GLN B 188 -5.66 -3.49 -35.47
N SER B 189 -5.96 -3.86 -36.71
CA SER B 189 -5.05 -4.70 -37.48
C SER B 189 -3.75 -3.98 -37.81
N SER B 190 -3.78 -2.64 -37.84
CA SER B 190 -2.59 -1.85 -38.13
C SER B 190 -1.68 -1.67 -36.91
N GLY B 191 -2.06 -2.22 -35.76
CA GLY B 191 -1.27 -2.10 -34.56
C GLY B 191 -1.50 -0.84 -33.76
N LEU B 192 -2.43 0.02 -34.17
CA LEU B 192 -2.72 1.25 -33.46
C LEU B 192 -3.98 1.07 -32.62
N TYR B 193 -3.97 1.69 -31.44
CA TYR B 193 -5.08 1.58 -30.50
C TYR B 193 -6.14 2.64 -30.78
N SER B 194 -7.33 2.40 -30.23
CA SER B 194 -8.43 3.35 -30.31
C SER B 194 -9.40 3.07 -29.16
N LEU B 195 -9.92 4.13 -28.56
CA LEU B 195 -10.93 4.00 -27.52
C LEU B 195 -11.89 5.18 -27.61
N SER B 196 -13.00 5.06 -26.88
CA SER B 196 -14.02 6.10 -26.84
C SER B 196 -14.36 6.41 -25.40
N SER B 197 -14.66 7.68 -25.13
CA SER B 197 -15.10 8.15 -23.82
C SER B 197 -16.42 8.89 -24.00
N VAL B 198 -17.48 8.34 -23.43
CA VAL B 198 -18.82 8.90 -23.58
C VAL B 198 -19.29 9.40 -22.23
N VAL B 199 -20.17 10.40 -22.27
CA VAL B 199 -20.71 11.01 -21.05
C VAL B 199 -22.23 11.12 -21.21
N THR B 200 -22.93 10.96 -20.09
CA THR B 200 -24.37 11.14 -20.05
C THR B 200 -24.70 12.55 -19.58
N VAL B 201 -25.49 13.26 -20.38
CA VAL B 201 -25.73 14.68 -20.17
C VAL B 201 -27.21 14.96 -20.38
N PRO B 202 -27.83 15.85 -19.59
CA PRO B 202 -29.27 16.08 -19.73
C PRO B 202 -29.62 16.64 -21.10
N SER B 203 -30.80 16.24 -21.58
CA SER B 203 -31.25 16.64 -22.92
C SER B 203 -31.49 18.14 -23.03
N SER B 204 -31.76 18.81 -21.91
CA SER B 204 -32.03 20.25 -21.97
C SER B 204 -30.77 21.07 -22.15
N SER B 205 -29.62 20.55 -21.70
CA SER B 205 -28.40 21.33 -21.67
C SER B 205 -27.57 21.21 -22.94
N LEU B 206 -27.81 20.19 -23.77
CA LEU B 206 -26.95 19.95 -24.92
C LEU B 206 -26.97 21.10 -25.91
N GLY B 207 -28.02 21.91 -25.92
CA GLY B 207 -28.09 23.01 -26.86
C GLY B 207 -27.40 24.27 -26.40
N THR B 208 -27.25 24.45 -25.08
CA THR B 208 -26.73 25.69 -24.53
C THR B 208 -25.41 25.54 -23.77
N GLN B 209 -25.04 24.34 -23.34
CA GLN B 209 -23.83 24.11 -22.57
C GLN B 209 -22.72 23.58 -23.46
N THR B 210 -21.50 24.05 -23.22
CA THR B 210 -20.32 23.62 -23.97
C THR B 210 -19.59 22.52 -23.20
N TYR B 211 -19.36 21.40 -23.87
CA TYR B 211 -18.69 20.24 -23.29
C TYR B 211 -17.39 20.00 -24.02
N ILE B 212 -16.30 19.82 -23.27
CA ILE B 212 -14.97 19.61 -23.81
C ILE B 212 -14.38 18.36 -23.17
N CYS B 213 -13.82 17.48 -24.00
CA CYS B 213 -13.10 16.31 -23.51
C CYS B 213 -11.61 16.58 -23.56
N ASN B 214 -10.90 16.19 -22.51
CA ASN B 214 -9.47 16.46 -22.37
C ASN B 214 -8.73 15.14 -22.53
N VAL B 215 -8.28 14.86 -23.75
CA VAL B 215 -7.52 13.65 -24.06
C VAL B 215 -6.06 13.90 -23.75
N ASN B 216 -5.43 12.94 -23.08
CA ASN B 216 -4.02 13.04 -22.70
C ASN B 216 -3.32 11.77 -23.12
N HIS B 217 -2.28 11.90 -23.94
CA HIS B 217 -1.47 10.78 -24.41
C HIS B 217 -0.01 11.14 -24.12
N LYS B 218 0.40 10.95 -22.86
CA LYS B 218 1.74 11.32 -22.43
C LYS B 218 2.87 10.57 -23.14
N PRO B 219 2.71 9.34 -23.64
CA PRO B 219 3.78 8.73 -24.45
C PRO B 219 4.27 9.59 -25.60
N SER B 220 3.42 10.50 -26.09
CA SER B 220 3.81 11.47 -27.11
C SER B 220 3.71 12.91 -26.60
N ASN B 221 3.41 13.10 -25.31
CA ASN B 221 3.28 14.43 -24.73
C ASN B 221 2.27 15.27 -25.49
N THR B 222 1.14 14.66 -25.84
CA THR B 222 0.08 15.31 -26.60
C THR B 222 -1.15 15.44 -25.72
N LYS B 223 -1.72 16.65 -25.69
CA LYS B 223 -2.97 16.92 -24.99
C LYS B 223 -3.92 17.60 -25.97
N VAL B 224 -5.07 16.98 -26.21
CA VAL B 224 -6.04 17.46 -27.18
C VAL B 224 -7.34 17.78 -26.44
N ASP B 225 -7.67 19.07 -26.35
CA ASP B 225 -8.92 19.52 -25.75
C ASP B 225 -9.93 19.72 -26.87
N LYS B 226 -10.79 18.73 -27.07
CA LYS B 226 -11.75 18.72 -28.17
C LYS B 226 -13.13 19.14 -27.68
N ARG B 227 -13.80 19.98 -28.46
CA ARG B 227 -15.13 20.45 -28.15
C ARG B 227 -16.17 19.65 -28.92
N VAL B 228 -17.24 19.26 -28.24
CA VAL B 228 -18.30 18.43 -28.82
C VAL B 228 -19.57 19.26 -28.88
N GLU B 229 -19.94 19.69 -30.08
CA GLU B 229 -21.14 20.49 -30.32
C GLU B 229 -22.22 19.63 -30.98
N PRO B 230 -23.50 19.98 -30.81
CA PRO B 230 -24.55 19.24 -31.50
C PRO B 230 -24.50 19.44 -33.00
N LYS B 231 -25.01 18.45 -33.73
CA LYS B 231 -25.05 18.51 -35.19
C LYS B 231 -26.20 19.40 -35.67
N SER C 4 10.29 -19.62 -0.46
CA SER C 4 9.21 -20.41 -1.03
C SER C 4 8.27 -19.54 -1.86
N GLU C 5 7.06 -20.03 -2.11
CA GLU C 5 6.09 -19.32 -2.91
C GLU C 5 4.72 -19.41 -2.25
N LEU C 6 3.87 -18.42 -2.53
CA LEU C 6 2.53 -18.35 -1.96
C LEU C 6 1.50 -18.77 -3.01
N THR C 7 0.60 -19.66 -2.62
CA THR C 7 -0.44 -20.17 -3.50
C THR C 7 -1.81 -19.91 -2.91
N GLN C 8 -2.74 -19.46 -3.74
CA GLN C 8 -4.12 -19.22 -3.34
C GLN C 8 -5.05 -19.59 -4.48
N ASP C 9 -6.28 -19.92 -4.13
CA ASP C 9 -7.26 -20.32 -5.13
C ASP C 9 -7.54 -19.17 -6.08
N PRO C 10 -7.65 -19.42 -7.38
CA PRO C 10 -7.79 -18.31 -8.34
C PRO C 10 -9.13 -17.62 -8.28
N ALA C 11 -10.17 -18.23 -7.72
CA ALA C 11 -11.49 -17.63 -7.73
C ALA C 11 -12.33 -18.18 -6.58
N VAL C 12 -13.21 -17.31 -6.07
CA VAL C 12 -14.17 -17.70 -5.05
C VAL C 12 -15.32 -16.69 -5.12
N SER C 13 -16.50 -17.12 -4.68
CA SER C 13 -17.70 -16.30 -4.76
C SER C 13 -18.42 -16.27 -3.41
N VAL C 14 -19.10 -15.16 -3.15
CA VAL C 14 -19.84 -14.95 -1.91
C VAL C 14 -21.08 -14.14 -2.22
N ALA C 15 -22.17 -14.44 -1.52
CA ALA C 15 -23.40 -13.69 -1.67
C ALA C 15 -23.34 -12.39 -0.88
N LEU C 16 -24.18 -11.43 -1.29
CA LEU C 16 -24.22 -10.14 -0.60
C LEU C 16 -24.71 -10.30 0.83
N GLY C 17 -23.96 -9.71 1.77
CA GLY C 17 -24.31 -9.77 3.17
C GLY C 17 -23.77 -10.96 3.92
N GLN C 18 -23.08 -11.88 3.26
CA GLN C 18 -22.52 -13.06 3.89
C GLN C 18 -21.01 -12.89 4.09
N THR C 19 -20.34 -13.97 4.47
CA THR C 19 -18.93 -13.94 4.83
C THR C 19 -18.14 -14.88 3.93
N VAL C 20 -16.95 -14.43 3.52
CA VAL C 20 -16.06 -15.22 2.69
C VAL C 20 -14.67 -15.21 3.31
N ARG C 21 -13.95 -16.32 3.17
CA ARG C 21 -12.64 -16.51 3.76
C ARG C 21 -11.65 -16.86 2.65
N ILE C 22 -10.85 -15.88 2.25
CA ILE C 22 -9.82 -16.07 1.22
C ILE C 22 -8.55 -16.58 1.91
N THR C 23 -8.11 -17.77 1.54
CA THR C 23 -7.01 -18.45 2.20
C THR C 23 -5.75 -18.40 1.33
N CYS C 24 -4.61 -18.20 1.98
CA CYS C 24 -3.31 -18.14 1.31
C CYS C 24 -2.33 -18.98 2.09
N GLN C 25 -1.71 -19.95 1.43
CA GLN C 25 -0.85 -20.93 2.07
C GLN C 25 0.57 -20.84 1.53
N GLY C 26 1.54 -20.89 2.44
CA GLY C 26 2.94 -20.87 2.09
C GLY C 26 3.83 -21.00 3.32
N ASP C 27 5.02 -21.55 3.13
CA ASP C 27 5.96 -21.71 4.24
C ASP C 27 6.59 -20.40 4.68
N SER C 28 6.42 -19.33 3.92
CA SER C 28 6.96 -18.02 4.28
C SER C 28 6.02 -17.22 5.17
N LEU C 29 4.98 -17.86 5.72
CA LEU C 29 4.00 -17.14 6.53
C LEU C 29 4.29 -17.21 8.02
N ARG C 30 4.98 -18.26 8.49
CA ARG C 30 5.32 -18.33 9.91
C ARG C 30 6.37 -17.31 10.29
N GLY C 31 7.32 -17.02 9.40
CA GLY C 31 8.38 -16.08 9.69
C GLY C 31 7.89 -14.66 9.89
N TYR C 32 7.48 -14.01 8.80
CA TYR C 32 6.97 -12.65 8.85
C TYR C 32 5.44 -12.64 8.72
N TYR C 33 4.86 -11.50 9.07
CA TYR C 33 3.41 -11.36 9.02
C TYR C 33 2.97 -11.01 7.61
N ALA C 34 1.82 -11.56 7.21
CA ALA C 34 1.33 -11.41 5.86
C ALA C 34 0.49 -10.14 5.72
N SER C 35 0.40 -9.64 4.49
CA SER C 35 -0.41 -8.48 4.16
C SER C 35 -1.32 -8.83 2.98
N TRP C 36 -2.43 -8.09 2.87
CA TRP C 36 -3.43 -8.33 1.84
C TRP C 36 -3.68 -7.05 1.07
N TYR C 37 -3.99 -7.21 -0.23
CA TYR C 37 -4.25 -6.09 -1.12
C TYR C 37 -5.54 -6.34 -1.88
N GLN C 38 -6.28 -5.27 -2.13
CA GLN C 38 -7.46 -5.29 -2.98
C GLN C 38 -7.14 -4.53 -4.27
N GLN C 39 -7.41 -5.15 -5.41
CA GLN C 39 -7.16 -4.54 -6.71
C GLN C 39 -8.40 -4.66 -7.58
N LYS C 40 -8.94 -3.54 -7.99
CA LYS C 40 -10.03 -3.44 -8.94
C LYS C 40 -9.50 -3.21 -10.35
N PRO C 41 -10.27 -3.57 -11.38
CA PRO C 41 -9.76 -3.46 -12.76
C PRO C 41 -9.36 -2.03 -13.11
N GLY C 42 -8.24 -1.91 -13.82
CA GLY C 42 -7.74 -0.62 -14.27
C GLY C 42 -7.23 0.28 -13.18
N GLN C 43 -7.02 -0.23 -11.97
CA GLN C 43 -6.60 0.57 -10.82
C GLN C 43 -5.40 -0.10 -10.14
N ALA C 44 -4.78 0.66 -9.23
CA ALA C 44 -3.63 0.21 -8.46
C ALA C 44 -4.07 -0.54 -7.21
N PRO C 45 -3.24 -1.46 -6.71
CA PRO C 45 -3.60 -2.16 -5.47
C PRO C 45 -3.58 -1.23 -4.27
N VAL C 46 -4.48 -1.49 -3.32
CA VAL C 46 -4.56 -0.73 -2.09
C VAL C 46 -4.45 -1.71 -0.91
N LEU C 47 -3.60 -1.37 0.05
CA LEU C 47 -3.40 -2.23 1.20
C LEU C 47 -4.66 -2.26 2.07
N VAL C 48 -5.12 -3.45 2.42
CA VAL C 48 -6.30 -3.62 3.24
C VAL C 48 -5.98 -4.24 4.60
N ILE C 49 -4.98 -5.11 4.68
CA ILE C 49 -4.61 -5.79 5.92
C ILE C 49 -3.09 -5.90 5.97
N TYR C 50 -2.51 -5.59 7.12
CA TYR C 50 -1.09 -5.83 7.37
C TYR C 50 -0.91 -6.25 8.82
N GLY C 51 0.15 -7.00 9.06
CA GLY C 51 0.38 -7.50 10.41
C GLY C 51 -0.71 -8.45 10.86
N LYS C 52 -0.97 -8.45 12.17
CA LYS C 52 -2.01 -9.29 12.77
C LYS C 52 -3.28 -8.46 12.89
N ASN C 53 -4.11 -8.49 11.83
CA ASN C 53 -5.44 -7.89 11.83
C ASN C 53 -5.38 -6.39 12.12
N ASN C 54 -4.47 -5.71 11.43
CA ASN C 54 -4.32 -4.26 11.53
C ASN C 54 -4.73 -3.65 10.19
N ARG C 55 -5.76 -2.80 10.22
CA ARG C 55 -6.30 -2.18 9.01
C ARG C 55 -5.78 -0.77 8.86
N PRO C 56 -5.30 -0.39 7.67
CA PRO C 56 -4.99 1.03 7.43
C PRO C 56 -6.23 1.89 7.55
N SER C 57 -6.01 3.18 7.79
CA SER C 57 -7.12 4.12 7.95
C SER C 57 -7.85 4.26 6.62
N GLY C 58 -9.09 3.76 6.58
CA GLY C 58 -9.89 3.85 5.37
C GLY C 58 -10.44 2.52 4.93
N ILE C 59 -10.17 1.47 5.69
CA ILE C 59 -10.63 0.11 5.40
C ILE C 59 -11.69 -0.25 6.43
N PRO C 60 -12.90 -0.63 6.00
CA PRO C 60 -13.96 -0.94 6.98
C PRO C 60 -13.62 -2.17 7.80
N ASP C 61 -14.20 -2.23 9.00
CA ASP C 61 -13.94 -3.34 9.92
C ASP C 61 -14.45 -4.68 9.39
N ARG C 62 -15.15 -4.68 8.26
CA ARG C 62 -15.57 -5.94 7.64
C ARG C 62 -14.38 -6.78 7.19
N PHE C 63 -13.24 -6.15 6.93
CA PHE C 63 -12.03 -6.86 6.54
C PHE C 63 -11.24 -7.24 7.79
N SER C 64 -10.96 -8.52 7.95
CA SER C 64 -10.17 -9.02 9.08
C SER C 64 -9.22 -10.09 8.59
N GLY C 65 -8.00 -10.07 9.11
CA GLY C 65 -6.98 -11.03 8.73
C GLY C 65 -6.56 -11.88 9.91
N SER C 66 -6.14 -13.12 9.61
CA SER C 66 -5.70 -14.04 10.64
C SER C 66 -4.64 -14.96 10.04
N SER C 67 -3.94 -15.67 10.92
CA SER C 67 -2.89 -16.60 10.51
C SER C 67 -2.87 -17.79 11.45
N SER C 68 -2.63 -18.97 10.88
CA SER C 68 -2.57 -20.21 11.67
C SER C 68 -1.56 -21.14 11.00
N GLY C 69 -0.35 -21.19 11.54
CA GLY C 69 0.66 -22.05 10.95
C GLY C 69 1.15 -21.47 9.64
N ASN C 70 1.20 -22.31 8.61
CA ASN C 70 1.59 -21.89 7.27
C ASN C 70 0.40 -21.44 6.44
N THR C 71 -0.58 -20.79 7.06
CA THR C 71 -1.81 -20.40 6.39
C THR C 71 -2.29 -19.07 6.93
N ALA C 72 -2.39 -18.08 6.05
CA ALA C 72 -2.98 -16.78 6.36
C ALA C 72 -4.29 -16.64 5.62
N SER C 73 -5.25 -15.96 6.25
CA SER C 73 -6.59 -15.84 5.70
C SER C 73 -7.07 -14.39 5.77
N LEU C 74 -7.90 -14.03 4.79
CA LEU C 74 -8.56 -12.74 4.75
C LEU C 74 -10.06 -12.99 4.79
N THR C 75 -10.72 -12.44 5.81
CA THR C 75 -12.15 -12.64 6.03
C THR C 75 -12.90 -11.33 5.78
N ILE C 76 -13.94 -11.40 4.95
CA ILE C 76 -14.79 -10.24 4.66
C ILE C 76 -16.17 -10.56 5.20
N THR C 77 -16.57 -9.86 6.26
CA THR C 77 -17.86 -10.06 6.88
C THR C 77 -18.89 -9.13 6.26
N GLY C 78 -20.07 -9.68 5.95
CA GLY C 78 -21.11 -8.90 5.31
C GLY C 78 -20.67 -8.32 3.99
N ALA C 79 -20.33 -9.20 3.04
CA ALA C 79 -19.79 -8.76 1.77
C ALA C 79 -20.78 -7.86 1.03
N GLN C 80 -20.23 -6.93 0.25
CA GLN C 80 -21.02 -5.98 -0.51
C GLN C 80 -20.58 -6.03 -1.97
N ALA C 81 -21.34 -5.33 -2.83
CA ALA C 81 -21.00 -5.29 -4.24
C ALA C 81 -19.68 -4.57 -4.47
N GLU C 82 -19.36 -3.57 -3.64
CA GLU C 82 -18.11 -2.85 -3.77
C GLU C 82 -16.88 -3.67 -3.41
N ASP C 83 -17.07 -4.89 -2.90
CA ASP C 83 -15.95 -5.74 -2.51
C ASP C 83 -15.50 -6.68 -3.63
N GLU C 84 -16.07 -6.55 -4.83
CA GLU C 84 -15.73 -7.43 -5.94
C GLU C 84 -14.43 -6.94 -6.58
N ALA C 85 -13.34 -7.68 -6.36
CA ALA C 85 -12.03 -7.31 -6.86
C ALA C 85 -11.11 -8.51 -6.73
N ASP C 86 -9.82 -8.32 -7.03
CA ASP C 86 -8.80 -9.33 -6.82
C ASP C 86 -8.09 -9.08 -5.49
N TYR C 87 -7.71 -10.16 -4.82
CA TYR C 87 -7.09 -10.09 -3.50
C TYR C 87 -5.80 -10.88 -3.50
N TYR C 88 -4.69 -10.20 -3.21
CA TYR C 88 -3.36 -10.80 -3.20
C TYR C 88 -2.82 -10.83 -1.77
N CYS C 89 -2.27 -11.97 -1.37
CA CYS C 89 -1.49 -12.06 -0.14
C CYS C 89 -0.04 -11.74 -0.44
N ASN C 90 0.65 -11.21 0.57
CA ASN C 90 2.02 -10.78 0.40
C ASN C 90 2.79 -11.00 1.68
N SER C 91 4.00 -11.53 1.57
CA SER C 91 4.85 -11.75 2.73
C SER C 91 6.30 -11.88 2.28
N ARG C 92 7.21 -11.63 3.21
CA ARG C 92 8.64 -11.77 2.97
C ARG C 92 9.13 -13.09 3.58
N ASP C 93 9.96 -13.80 2.83
CA ASP C 93 10.48 -15.07 3.30
C ASP C 93 11.56 -14.85 4.35
N SER C 94 11.63 -15.79 5.30
CA SER C 94 12.45 -15.64 6.49
C SER C 94 13.86 -16.20 6.35
N SER C 95 14.25 -16.65 5.17
CA SER C 95 15.55 -17.27 4.97
C SER C 95 16.25 -16.67 3.76
N GLY C 96 17.58 -16.71 3.79
CA GLY C 96 18.37 -16.21 2.69
C GLY C 96 18.38 -14.70 2.64
N ASN C 97 18.36 -14.14 1.43
CA ASN C 97 18.29 -12.70 1.23
C ASN C 97 16.91 -12.14 1.52
N HIS C 98 15.97 -12.97 1.99
CA HIS C 98 14.60 -12.60 2.32
C HIS C 98 13.90 -11.97 1.13
N PRO C 99 13.63 -12.74 0.07
CA PRO C 99 12.89 -12.19 -1.06
C PRO C 99 11.40 -12.09 -0.77
N VAL C 100 10.75 -11.17 -1.45
CA VAL C 100 9.32 -10.94 -1.28
C VAL C 100 8.57 -11.71 -2.35
N VAL C 101 7.51 -12.41 -1.94
CA VAL C 101 6.71 -13.23 -2.84
C VAL C 101 5.26 -12.79 -2.77
N PHE C 102 4.62 -12.70 -3.93
CA PHE C 102 3.20 -12.42 -4.04
C PHE C 102 2.42 -13.70 -4.28
N GLY C 103 1.22 -13.77 -3.73
CA GLY C 103 0.33 -14.85 -4.03
C GLY C 103 -0.22 -14.75 -5.44
N GLY C 104 -0.80 -15.86 -5.91
CA GLY C 104 -1.39 -15.88 -7.24
C GLY C 104 -2.59 -15.00 -7.42
N GLY C 105 -3.13 -14.44 -6.34
CA GLY C 105 -4.32 -13.62 -6.43
C GLY C 105 -5.60 -14.44 -6.41
N THR C 106 -6.67 -13.87 -5.86
CA THR C 106 -7.96 -14.55 -5.78
C THR C 106 -9.03 -13.60 -6.28
N LYS C 107 -9.61 -13.93 -7.44
CA LYS C 107 -10.73 -13.16 -7.98
C LYS C 107 -11.98 -13.44 -7.16
N LEU C 108 -12.50 -12.41 -6.51
CA LEU C 108 -13.69 -12.54 -5.67
C LEU C 108 -14.90 -12.01 -6.42
N THR C 109 -15.92 -12.86 -6.57
CA THR C 109 -17.17 -12.49 -7.22
C THR C 109 -18.27 -12.40 -6.16
N VAL C 110 -19.03 -11.30 -6.20
CA VAL C 110 -20.12 -11.09 -5.26
C VAL C 110 -21.42 -11.41 -5.99
N LEU C 111 -22.07 -12.50 -5.59
CA LEU C 111 -23.25 -13.00 -6.28
C LEU C 111 -24.51 -12.35 -5.72
N GLY C 112 -25.55 -12.33 -6.55
CA GLY C 112 -26.82 -11.71 -6.19
C GLY C 112 -27.13 -10.42 -6.91
N GLN C 113 -26.34 -10.05 -7.92
CA GLN C 113 -26.55 -8.81 -8.66
C GLN C 113 -27.68 -8.97 -9.66
N PRO C 114 -28.56 -7.98 -9.81
CA PRO C 114 -29.65 -8.09 -10.79
C PRO C 114 -29.13 -8.11 -12.21
N LYS C 115 -29.76 -8.92 -13.04
CA LYS C 115 -29.41 -9.00 -14.45
C LYS C 115 -29.97 -7.79 -15.20
N GLY C 116 -29.25 -7.37 -16.23
CA GLY C 116 -29.66 -6.20 -16.97
C GLY C 116 -29.47 -6.35 -18.47
N ALA C 117 -30.45 -5.88 -19.24
CA ALA C 117 -30.32 -5.89 -20.69
C ALA C 117 -29.34 -4.80 -21.13
N PRO C 118 -28.59 -5.05 -22.21
CA PRO C 118 -27.59 -4.07 -22.64
C PRO C 118 -28.24 -2.82 -23.22
N SER C 119 -27.59 -1.68 -22.98
CA SER C 119 -28.00 -0.39 -23.53
C SER C 119 -27.01 -0.01 -24.62
N VAL C 120 -27.51 0.22 -25.83
CA VAL C 120 -26.68 0.38 -27.02
C VAL C 120 -26.82 1.82 -27.52
N THR C 121 -25.69 2.45 -27.81
CA THR C 121 -25.66 3.78 -28.41
C THR C 121 -24.69 3.76 -29.58
N LEU C 122 -25.21 3.98 -30.79
CA LEU C 122 -24.42 3.91 -32.01
C LEU C 122 -24.18 5.32 -32.56
N PHE C 123 -22.92 5.65 -32.81
CA PHE C 123 -22.53 6.95 -33.31
C PHE C 123 -22.13 6.86 -34.77
N PRO C 124 -22.66 7.70 -35.64
CA PRO C 124 -22.20 7.75 -37.03
C PRO C 124 -20.87 8.47 -37.12
N PRO C 125 -20.18 8.40 -38.26
CA PRO C 125 -18.90 9.09 -38.39
C PRO C 125 -19.08 10.60 -38.29
N SER C 126 -18.19 11.23 -37.53
CA SER C 126 -18.19 12.68 -37.43
C SER C 126 -17.79 13.30 -38.76
N SER C 127 -18.30 14.51 -39.02
CA SER C 127 -17.95 15.20 -40.26
C SER C 127 -16.47 15.51 -40.33
N GLU C 128 -15.84 15.77 -39.18
CA GLU C 128 -14.41 16.04 -39.16
C GLU C 128 -13.61 14.80 -39.56
N GLU C 129 -14.03 13.62 -39.10
CA GLU C 129 -13.35 12.39 -39.51
C GLU C 129 -13.57 12.11 -40.98
N LEU C 130 -14.80 12.32 -41.47
CA LEU C 130 -15.08 12.13 -42.89
C LEU C 130 -14.24 13.09 -43.74
N GLN C 131 -14.15 14.35 -43.33
CA GLN C 131 -13.30 15.30 -44.06
C GLN C 131 -11.82 14.97 -43.89
N ALA C 132 -11.46 14.17 -42.89
CA ALA C 132 -10.11 13.62 -42.79
C ALA C 132 -9.95 12.34 -43.60
N ASN C 133 -10.95 12.01 -44.41
CA ASN C 133 -10.92 10.85 -45.31
C ASN C 133 -10.81 9.54 -44.52
N LYS C 134 -11.78 9.33 -43.62
CA LYS C 134 -11.86 8.13 -42.81
C LYS C 134 -13.24 8.10 -42.15
N ALA C 135 -13.76 6.89 -41.97
CA ALA C 135 -15.05 6.69 -41.31
C ALA C 135 -14.91 5.60 -40.26
N THR C 136 -15.59 5.79 -39.13
CA THR C 136 -15.60 4.80 -38.06
C THR C 136 -16.95 4.85 -37.35
N LEU C 137 -17.57 3.69 -37.19
CA LEU C 137 -18.85 3.56 -36.47
C LEU C 137 -18.56 3.06 -35.06
N VAL C 138 -19.03 3.80 -34.06
CA VAL C 138 -18.76 3.51 -32.66
C VAL C 138 -20.04 2.98 -32.03
N CYS C 139 -20.03 1.71 -31.64
CA CYS C 139 -21.15 1.05 -30.97
C CYS C 139 -20.75 0.81 -29.52
N LEU C 140 -21.38 1.54 -28.61
CA LEU C 140 -21.06 1.47 -27.18
C LEU C 140 -22.14 0.71 -26.43
N ILE C 141 -21.73 -0.32 -25.70
CA ILE C 141 -22.64 -1.18 -24.94
C ILE C 141 -22.28 -1.08 -23.47
N SER C 142 -23.29 -1.11 -22.60
CA SER C 142 -23.04 -0.92 -21.18
C SER C 142 -24.21 -1.44 -20.36
N ASP C 143 -23.94 -1.68 -19.07
CA ASP C 143 -24.95 -1.98 -18.05
C ASP C 143 -25.68 -3.29 -18.34
N PHE C 144 -24.92 -4.32 -18.71
CA PHE C 144 -25.49 -5.65 -18.93
C PHE C 144 -24.78 -6.66 -18.06
N TYR C 145 -25.55 -7.61 -17.53
CA TYR C 145 -25.03 -8.68 -16.69
C TYR C 145 -25.83 -9.95 -16.99
N PRO C 146 -25.17 -11.11 -17.16
CA PRO C 146 -23.72 -11.35 -17.19
C PRO C 146 -22.97 -10.67 -18.33
N GLY C 147 -21.66 -10.84 -18.35
CA GLY C 147 -20.82 -10.15 -19.31
C GLY C 147 -20.58 -10.90 -20.61
N ALA C 148 -21.54 -11.73 -21.01
CA ALA C 148 -21.46 -12.47 -22.26
C ALA C 148 -22.30 -11.74 -23.30
N VAL C 149 -21.63 -11.19 -24.32
CA VAL C 149 -22.30 -10.42 -25.37
C VAL C 149 -21.57 -10.67 -26.68
N THR C 150 -22.34 -11.00 -27.73
CA THR C 150 -21.82 -11.12 -29.08
C THR C 150 -22.41 -10.01 -29.95
N VAL C 151 -21.58 -9.46 -30.83
CA VAL C 151 -21.94 -8.28 -31.62
C VAL C 151 -21.90 -8.63 -33.10
N ALA C 152 -22.88 -8.13 -33.84
CA ALA C 152 -22.95 -8.31 -35.29
C ALA C 152 -23.24 -6.97 -35.94
N TRP C 153 -22.56 -6.70 -37.05
CA TRP C 153 -22.74 -5.48 -37.82
C TRP C 153 -23.46 -5.79 -39.12
N LYS C 154 -24.23 -4.82 -39.61
CA LYS C 154 -25.02 -4.98 -40.83
C LYS C 154 -24.88 -3.74 -41.70
N ALA C 155 -24.62 -3.95 -42.98
CA ALA C 155 -24.61 -2.82 -43.94
C ALA C 155 -25.83 -3.05 -44.83
N ASP C 156 -26.84 -2.19 -44.76
CA ASP C 156 -28.08 -2.34 -45.57
C ASP C 156 -28.67 -3.75 -45.40
N SER C 157 -28.74 -4.25 -44.16
CA SER C 157 -29.30 -5.59 -43.79
C SER C 157 -28.42 -6.77 -44.21
N SER C 158 -27.19 -6.52 -44.64
CA SER C 158 -26.30 -7.63 -45.09
C SER C 158 -25.20 -7.78 -44.06
N PRO C 159 -24.92 -8.96 -43.46
CA PRO C 159 -23.89 -8.99 -42.42
C PRO C 159 -22.54 -8.52 -42.95
N VAL C 160 -21.77 -7.90 -42.06
CA VAL C 160 -20.46 -7.35 -42.39
C VAL C 160 -19.45 -7.84 -41.36
N LYS C 161 -18.35 -8.42 -41.84
CA LYS C 161 -17.27 -8.85 -40.98
C LYS C 161 -15.96 -8.11 -41.22
N ALA C 162 -15.81 -7.41 -42.35
CA ALA C 162 -14.58 -6.72 -42.66
C ALA C 162 -14.55 -5.37 -41.94
N GLY C 163 -13.49 -5.14 -41.16
CA GLY C 163 -13.32 -3.88 -40.45
C GLY C 163 -13.93 -3.84 -39.06
N VAL C 164 -14.33 -4.98 -38.51
CA VAL C 164 -14.98 -5.03 -37.20
C VAL C 164 -13.93 -5.31 -36.14
N GLU C 165 -13.95 -4.51 -35.06
CA GLU C 165 -13.08 -4.72 -33.91
C GLU C 165 -13.90 -4.48 -32.66
N THR C 166 -14.04 -5.51 -31.83
CA THR C 166 -14.87 -5.46 -30.63
C THR C 166 -14.02 -5.78 -29.41
N THR C 167 -14.10 -4.93 -28.40
CA THR C 167 -13.32 -5.14 -27.18
C THR C 167 -13.93 -6.26 -26.34
N THR C 168 -13.12 -6.79 -25.43
CA THR C 168 -13.61 -7.76 -24.47
C THR C 168 -14.47 -7.05 -23.41
N PRO C 169 -15.50 -7.73 -22.90
CA PRO C 169 -16.35 -7.11 -21.88
C PRO C 169 -15.57 -6.81 -20.60
N SER C 170 -15.70 -5.57 -20.13
CA SER C 170 -15.02 -5.13 -18.93
C SER C 170 -16.04 -4.67 -17.89
N LYS C 171 -15.60 -4.57 -16.64
CA LYS C 171 -16.47 -4.23 -15.53
C LYS C 171 -16.50 -2.72 -15.30
N GLN C 172 -17.70 -2.15 -15.31
CA GLN C 172 -17.90 -0.77 -14.95
C GLN C 172 -17.98 -0.62 -13.43
N SER C 173 -17.96 0.63 -12.96
CA SER C 173 -17.96 0.90 -11.53
C SER C 173 -19.18 0.31 -10.84
N ASN C 174 -20.32 0.26 -11.52
CA ASN C 174 -21.53 -0.35 -10.96
C ASN C 174 -21.55 -1.87 -11.07
N ASN C 175 -20.40 -2.50 -11.32
CA ASN C 175 -20.26 -3.95 -11.32
C ASN C 175 -21.00 -4.58 -12.51
N LYS C 176 -21.65 -3.77 -13.33
CA LYS C 176 -22.20 -4.25 -14.57
C LYS C 176 -21.14 -4.18 -15.67
N TYR C 177 -21.35 -4.96 -16.71
CA TYR C 177 -20.36 -5.08 -17.78
C TYR C 177 -20.64 -4.08 -18.89
N ALA C 178 -19.58 -3.77 -19.64
CA ALA C 178 -19.65 -2.82 -20.75
C ALA C 178 -18.62 -3.21 -21.79
N ALA C 179 -18.95 -2.94 -23.06
CA ALA C 179 -18.06 -3.25 -24.16
C ALA C 179 -18.26 -2.22 -25.27
N SER C 180 -17.34 -2.23 -26.24
CA SER C 180 -17.39 -1.31 -27.35
C SER C 180 -17.08 -2.05 -28.64
N SER C 181 -17.72 -1.63 -29.72
CA SER C 181 -17.52 -2.23 -31.03
C SER C 181 -17.27 -1.13 -32.06
N TYR C 182 -16.29 -1.35 -32.93
CA TYR C 182 -15.90 -0.38 -33.95
C TYR C 182 -15.92 -1.02 -35.32
N LEU C 183 -16.50 -0.31 -36.29
CA LEU C 183 -16.46 -0.71 -37.69
C LEU C 183 -15.84 0.43 -38.50
N SER C 184 -14.68 0.16 -39.10
CA SER C 184 -13.95 1.18 -39.85
C SER C 184 -14.33 1.10 -41.31
N LEU C 185 -14.67 2.25 -41.90
CA LEU C 185 -15.13 2.34 -43.27
C LEU C 185 -14.36 3.43 -44.00
N THR C 186 -14.63 3.55 -45.29
CA THR C 186 -14.18 4.69 -46.07
C THR C 186 -15.33 5.67 -46.26
N PRO C 187 -15.03 6.97 -46.38
CA PRO C 187 -16.10 7.97 -46.51
C PRO C 187 -17.10 7.70 -47.64
N GLU C 188 -16.71 6.93 -48.65
CA GLU C 188 -17.66 6.57 -49.70
C GLU C 188 -18.39 5.26 -49.42
N GLN C 189 -17.74 4.32 -48.72
CA GLN C 189 -18.46 3.15 -48.24
C GLN C 189 -19.57 3.54 -47.29
N TRP C 190 -19.36 4.61 -46.52
CA TRP C 190 -20.38 5.08 -45.59
C TRP C 190 -21.53 5.77 -46.32
N LYS C 191 -21.20 6.67 -47.25
CA LYS C 191 -22.21 7.48 -47.91
C LYS C 191 -22.99 6.73 -48.99
N SER C 192 -22.44 5.63 -49.51
CA SER C 192 -23.09 4.92 -50.61
C SER C 192 -24.15 3.93 -50.16
N HIS C 193 -24.23 3.65 -48.86
CA HIS C 193 -25.22 2.71 -48.35
C HIS C 193 -26.43 3.45 -47.77
N ARG C 194 -27.49 2.69 -47.51
CA ARG C 194 -28.72 3.26 -46.98
C ARG C 194 -28.71 3.33 -45.45
N SER C 195 -28.07 2.37 -44.77
CA SER C 195 -28.02 2.37 -43.32
C SER C 195 -26.98 1.36 -42.85
N TYR C 196 -26.49 1.59 -41.63
CA TYR C 196 -25.63 0.64 -40.93
C TYR C 196 -26.23 0.37 -39.55
N SER C 197 -26.07 -0.87 -39.08
CA SER C 197 -26.68 -1.29 -37.83
C SER C 197 -25.66 -2.01 -36.95
N CYS C 198 -25.95 -2.03 -35.65
CA CYS C 198 -25.14 -2.73 -34.67
C CYS C 198 -26.05 -3.66 -33.87
N GLN C 199 -25.95 -4.96 -34.13
CA GLN C 199 -26.75 -5.95 -33.41
C GLN C 199 -25.97 -6.42 -32.18
N VAL C 200 -26.58 -6.28 -31.00
CA VAL C 200 -25.98 -6.69 -29.75
C VAL C 200 -26.88 -7.75 -29.13
N THR C 201 -26.36 -8.97 -29.02
CA THR C 201 -27.10 -10.10 -28.46
C THR C 201 -26.64 -10.37 -27.04
N HIS C 202 -27.61 -10.63 -26.15
CA HIS C 202 -27.32 -10.82 -24.73
C HIS C 202 -28.39 -11.76 -24.18
N GLU C 203 -28.03 -13.03 -23.99
CA GLU C 203 -28.98 -14.07 -23.56
C GLU C 203 -30.16 -14.18 -24.52
N GLY C 204 -29.85 -14.37 -25.80
CA GLY C 204 -30.86 -14.56 -26.82
C GLY C 204 -31.66 -13.33 -27.19
N SER C 205 -31.63 -12.27 -26.39
CA SER C 205 -32.35 -11.05 -26.67
C SER C 205 -31.42 -10.05 -27.34
N THR C 206 -31.84 -9.54 -28.50
CA THR C 206 -31.00 -8.68 -29.32
C THR C 206 -31.51 -7.24 -29.29
N VAL C 207 -30.58 -6.30 -29.16
CA VAL C 207 -30.88 -4.88 -29.29
C VAL C 207 -30.12 -4.33 -30.48
N GLU C 208 -30.84 -3.69 -31.41
CA GLU C 208 -30.26 -3.19 -32.64
C GLU C 208 -30.52 -1.70 -32.78
N LYS C 209 -29.46 -0.95 -33.07
CA LYS C 209 -29.54 0.47 -33.35
C LYS C 209 -28.99 0.74 -34.75
N THR C 210 -29.59 1.71 -35.43
CA THR C 210 -29.30 1.94 -36.85
C THR C 210 -28.98 3.41 -37.08
N VAL C 211 -27.90 3.68 -37.81
CA VAL C 211 -27.52 5.01 -38.22
C VAL C 211 -27.56 5.09 -39.74
N ALA C 212 -27.66 6.30 -40.26
CA ALA C 212 -27.78 6.51 -41.70
C ALA C 212 -27.08 7.80 -42.08
N PRO C 213 -26.48 7.86 -43.28
CA PRO C 213 -25.82 9.10 -43.70
C PRO C 213 -26.81 10.19 -44.07
N THR C 214 -28.00 9.82 -44.57
CA THR C 214 -28.99 10.83 -44.97
C THR C 214 -29.52 11.61 -43.78
N GLU C 215 -29.47 11.04 -42.58
CA GLU C 215 -29.96 11.71 -41.38
C GLU C 215 -28.80 12.13 -40.49
C1 NAG D . 22.52 14.31 18.22
C2 NAG D . 22.56 15.01 16.85
C3 NAG D . 23.90 14.78 16.15
C4 NAG D . 25.06 15.14 17.06
C5 NAG D . 24.95 14.35 18.35
C6 NAG D . 26.04 14.69 19.36
C7 NAG D . 21.05 15.21 14.90
C8 NAG D . 19.92 14.58 14.15
N2 NAG D . 21.47 14.56 15.99
O3 NAG D . 23.98 15.54 14.96
O4 NAG D . 26.30 14.85 16.43
O5 NAG D . 23.71 14.65 18.98
O6 NAG D . 25.58 15.63 20.32
O7 NAG D . 21.56 16.27 14.54
C1 GOL E . 6.77 -12.34 -6.40
O1 GOL E . 7.27 -11.62 -7.48
C2 GOL E . 6.50 -13.77 -6.92
O2 GOL E . 6.45 -14.71 -5.89
C3 GOL E . 5.15 -13.64 -7.67
O3 GOL E . 5.44 -13.09 -8.92
#